data_6Q1S
#
_entry.id   6Q1S
#
_cell.length_a   66.545
_cell.length_b   202.257
_cell.length_c   48.121
_cell.angle_alpha   90.000
_cell.angle_beta   90.050
_cell.angle_gamma   90.000
#
_symmetry.space_group_name_H-M   'P 1 21 1'
#
loop_
_entity.id
_entity.type
_entity.pdbx_description
1 polymer 'Probable amino acid aminotransferase'
2 non-polymer "4'-DEOXY-4'-AMINOPYRIDOXAL-5'-PHOSPHATE"
3 non-polymer '2-OXOGLUTARIC ACID'
4 non-polymer 'CITRIC ACID'
5 water water
#
_entity_poly.entity_id   1
_entity_poly.type   'polypeptide(L)'
_entity_poly.pdbx_seq_one_letter_code
;NAMVVTLDGEILQPGMPLLHADDLAAVRGDGVFETLLVRDGRACLVEAHLQRLTQSARLMDLPEPDLPRWRRAVEVATQR
WVASTADEGALRLIYSRGREGGSAPTAYVMVSPVPARVIGARRDGVSAITLDRGLPADGGDAMPWLIASAKTLSYAVNMA
VLRHAARQGAGDVIFVSTDGYVLEGPRSTVVIATDGDQGGGNPCLLTPPPWYPILRGTTQQALFEVARAKGYDCDYRALR
VADLFDSQGIWLVSSMTLAARVHTLDGRRLPRTPIAEVFAELVDAAIVSDR
;
_entity_poly.pdbx_strand_id   A,B,C,D
#
loop_
_chem_comp.id
_chem_comp.type
_chem_comp.name
_chem_comp.formula
AKG non-polymer '2-OXOGLUTARIC ACID' 'C5 H6 O5'
CIT non-polymer 'CITRIC ACID' 'C6 H8 O7'
PMP non-polymer 4'-DEOXY-4'-AMINOPYRIDOXAL-5'-PHOSPHATE 'C8 H13 N2 O5 P'
#
# COMPACT_ATOMS: atom_id res chain seq x y z
N ALA A 2 -14.24 -4.09 -0.57
CA ALA A 2 -13.48 -5.32 -0.32
C ALA A 2 -13.49 -6.24 -1.53
N MET A 3 -12.36 -6.87 -1.80
CA MET A 3 -12.19 -7.78 -2.93
C MET A 3 -11.65 -9.10 -2.40
N VAL A 4 -12.17 -10.21 -2.91
CA VAL A 4 -11.83 -11.53 -2.41
C VAL A 4 -11.33 -12.39 -3.56
N VAL A 5 -10.23 -13.10 -3.33
CA VAL A 5 -9.65 -14.04 -4.29
C VAL A 5 -9.36 -15.32 -3.53
N THR A 6 -10.12 -16.37 -3.83
CA THR A 6 -9.92 -17.64 -3.16
C THR A 6 -8.73 -18.39 -3.74
N LEU A 7 -8.21 -19.35 -2.96
CA LEU A 7 -7.11 -20.16 -3.45
C LEU A 7 -7.52 -21.04 -4.62
N ASP A 8 -8.82 -21.29 -4.76
CA ASP A 8 -9.33 -22.00 -5.93
C ASP A 8 -9.13 -21.18 -7.20
N GLY A 9 -8.90 -19.88 -7.07
CA GLY A 9 -8.62 -19.05 -8.21
C GLY A 9 -9.75 -18.16 -8.70
N GLU A 10 -10.84 -18.07 -7.96
CA GLU A 10 -12.00 -17.29 -8.39
C GLU A 10 -12.03 -15.96 -7.65
N ILE A 11 -12.41 -14.91 -8.37
CA ILE A 11 -12.55 -13.57 -7.82
C ILE A 11 -14.03 -13.34 -7.63
N LEU A 12 -14.47 -13.23 -6.38
CA LEU A 12 -15.90 -13.21 -6.12
C LEU A 12 -16.51 -11.85 -6.40
N GLN A 13 -17.75 -11.88 -6.88
CA GLN A 13 -18.46 -10.64 -7.10
C GLN A 13 -18.74 -10.06 -5.73
N PRO A 14 -18.28 -8.85 -5.41
CA PRO A 14 -18.47 -8.33 -4.06
C PRO A 14 -19.93 -8.07 -3.71
N GLY A 15 -20.23 -8.20 -2.42
CA GLY A 15 -21.58 -8.10 -1.93
C GLY A 15 -22.34 -9.40 -1.93
N MET A 16 -21.67 -10.52 -2.19
CA MET A 16 -22.23 -11.86 -2.22
C MET A 16 -21.56 -12.72 -1.14
N PRO A 17 -22.31 -13.54 -0.43
CA PRO A 17 -21.70 -14.35 0.64
C PRO A 17 -20.76 -15.40 0.08
N LEU A 18 -19.68 -15.65 0.83
CA LEU A 18 -18.67 -16.64 0.48
C LEU A 18 -18.70 -17.86 1.38
N LEU A 19 -18.93 -17.67 2.68
CA LEU A 19 -18.80 -18.73 3.67
C LEU A 19 -20.17 -19.29 4.03
N HIS A 20 -20.22 -20.60 4.26
CA HIS A 20 -21.42 -21.24 4.73
C HIS A 20 -21.58 -21.00 6.24
N ALA A 21 -22.79 -21.28 6.73
CA ALA A 21 -23.09 -21.01 8.13
C ALA A 21 -22.33 -21.93 9.08
N ASP A 22 -21.77 -23.04 8.59
CA ASP A 22 -21.09 -24.01 9.43
C ASP A 22 -19.58 -23.97 9.26
N ASP A 23 -19.04 -22.92 8.65
CA ASP A 23 -17.59 -22.80 8.53
C ASP A 23 -16.96 -22.59 9.90
N LEU A 24 -15.90 -23.36 10.19
CA LEU A 24 -15.29 -23.34 11.51
C LEU A 24 -14.63 -22.00 11.84
N ALA A 25 -14.39 -21.15 10.84
CA ALA A 25 -13.92 -19.80 11.14
C ALA A 25 -14.99 -18.99 11.85
N ALA A 26 -16.26 -19.22 11.52
CA ALA A 26 -17.34 -18.43 12.08
C ALA A 26 -17.93 -19.04 13.34
N VAL A 27 -18.05 -20.36 13.40
CA VAL A 27 -18.70 -21.00 14.54
C VAL A 27 -17.73 -21.22 15.71
N ARG A 28 -16.43 -21.32 15.44
CA ARG A 28 -15.46 -21.57 16.50
C ARG A 28 -14.22 -20.68 16.41
N GLY A 29 -14.18 -19.71 15.50
CA GLY A 29 -12.99 -18.92 15.31
C GLY A 29 -11.77 -19.76 15.00
N ASP A 30 -11.97 -20.91 14.35
CA ASP A 30 -10.96 -21.95 14.21
C ASP A 30 -10.20 -21.77 12.91
N GLY A 31 -9.12 -21.00 12.95
CA GLY A 31 -8.30 -20.80 11.77
C GLY A 31 -7.15 -19.86 12.09
N VAL A 32 -6.30 -19.65 11.09
CA VAL A 32 -5.17 -18.75 11.20
C VAL A 32 -5.26 -17.72 10.07
N PHE A 33 -4.57 -16.60 10.26
CA PHE A 33 -4.59 -15.56 9.24
C PHE A 33 -3.29 -14.76 9.27
N GLU A 34 -3.14 -13.92 8.25
CA GLU A 34 -2.02 -13.01 8.12
C GLU A 34 -2.53 -11.69 7.53
N THR A 35 -1.85 -10.60 7.86
CA THR A 35 -2.20 -9.29 7.33
C THR A 35 -0.96 -8.67 6.70
N LEU A 36 -1.10 -8.24 5.44
CA LEU A 36 -0.01 -7.69 4.67
C LEU A 36 -0.38 -6.31 4.14
N LEU A 37 0.62 -5.47 3.95
CA LEU A 37 0.43 -4.13 3.44
C LEU A 37 0.81 -4.09 1.96
N VAL A 38 -0.09 -3.55 1.14
CA VAL A 38 0.21 -3.31 -0.27
C VAL A 38 0.72 -1.88 -0.39
N ARG A 39 1.97 -1.74 -0.84
CA ARG A 39 2.60 -0.43 -1.00
C ARG A 39 3.47 -0.45 -2.24
N ASP A 40 3.29 0.55 -3.10
CA ASP A 40 4.08 0.72 -4.31
C ASP A 40 4.00 -0.53 -5.20
N GLY A 41 2.78 -1.00 -5.43
CA GLY A 41 2.49 -2.01 -6.42
C GLY A 41 2.62 -3.45 -5.96
N ARG A 42 2.98 -3.71 -4.71
CA ARG A 42 3.16 -5.08 -4.28
C ARG A 42 2.96 -5.17 -2.77
N ALA A 43 2.48 -6.33 -2.31
CA ALA A 43 2.39 -6.60 -0.88
C ALA A 43 3.78 -6.73 -0.27
N CYS A 44 3.92 -6.25 0.96
CA CYS A 44 5.23 -6.13 1.60
C CYS A 44 5.53 -7.39 2.41
N LEU A 45 6.74 -7.93 2.22
CA LEU A 45 7.24 -9.07 2.97
C LEU A 45 6.29 -10.27 2.84
N VAL A 46 6.06 -10.67 1.59
CA VAL A 46 5.15 -11.77 1.31
C VAL A 46 5.73 -13.08 1.85
N GLU A 47 7.01 -13.34 1.59
CA GLU A 47 7.61 -14.60 2.01
C GLU A 47 7.62 -14.72 3.53
N ALA A 48 7.98 -13.64 4.24
CA ALA A 48 8.02 -13.70 5.69
C ALA A 48 6.63 -13.93 6.29
N HIS A 49 5.58 -13.44 5.61
CA HIS A 49 4.23 -13.68 6.08
C HIS A 49 3.75 -15.10 5.75
N LEU A 50 4.21 -15.65 4.63
CA LEU A 50 3.86 -17.04 4.32
C LEU A 50 4.62 -18.01 5.21
N GLN A 51 5.80 -17.59 5.71
CA GLN A 51 6.52 -18.41 6.68
C GLN A 51 5.80 -18.45 8.01
N ARG A 52 5.35 -17.30 8.51
CA ARG A 52 4.59 -17.29 9.75
C ARG A 52 3.24 -17.98 9.59
N LEU A 53 2.64 -17.86 8.41
CA LEU A 53 1.39 -18.59 8.14
C LEU A 53 1.63 -20.10 8.25
N THR A 54 2.78 -20.57 7.76
CA THR A 54 3.10 -21.99 7.89
C THR A 54 3.28 -22.39 9.36
N GLN A 55 3.88 -21.51 10.15
CA GLN A 55 4.12 -21.85 11.56
C GLN A 55 2.82 -21.82 12.36
N SER A 56 1.97 -20.81 12.13
CA SER A 56 0.69 -20.76 12.83
C SER A 56 -0.18 -21.95 12.46
N ALA A 57 -0.11 -22.40 11.21
CA ALA A 57 -0.86 -23.57 10.78
C ALA A 57 -0.36 -24.84 11.46
N ARG A 58 0.96 -24.93 11.68
CA ARG A 58 1.52 -26.11 12.32
C ARG A 58 1.11 -26.18 13.79
N LEU A 59 1.13 -25.06 14.49
CA LEU A 59 0.66 -25.03 15.87
C LEU A 59 -0.82 -25.34 15.99
N MET A 60 -1.57 -25.18 14.91
CA MET A 60 -3.02 -25.39 14.91
C MET A 60 -3.43 -26.70 14.26
N ASP A 61 -2.48 -27.59 13.99
CA ASP A 61 -2.77 -28.90 13.40
C ASP A 61 -3.59 -28.77 12.12
N LEU A 62 -3.26 -27.75 11.32
CA LEU A 62 -3.85 -27.46 10.02
C LEU A 62 -2.99 -28.03 8.91
N PRO A 63 -3.59 -28.40 7.77
CA PRO A 63 -2.79 -28.85 6.63
C PRO A 63 -1.76 -27.80 6.24
N GLU A 64 -0.58 -28.28 5.87
CA GLU A 64 0.53 -27.39 5.53
C GLU A 64 0.16 -26.54 4.33
N PRO A 65 0.22 -25.21 4.44
CA PRO A 65 -0.27 -24.35 3.35
C PRO A 65 0.54 -24.52 2.07
N ASP A 66 -0.17 -24.56 0.94
CA ASP A 66 0.44 -24.65 -0.39
C ASP A 66 0.90 -23.26 -0.79
N LEU A 67 2.20 -22.99 -0.61
CA LEU A 67 2.69 -21.64 -0.85
C LEU A 67 2.56 -21.18 -2.29
N PRO A 68 2.81 -22.00 -3.32
CA PRO A 68 2.56 -21.52 -4.70
C PRO A 68 1.12 -21.12 -4.97
N ARG A 69 0.14 -21.82 -4.39
CA ARG A 69 -1.24 -21.40 -4.59
C ARG A 69 -1.54 -20.13 -3.80
N TRP A 70 -0.97 -20.00 -2.60
CA TRP A 70 -1.17 -18.79 -1.82
C TRP A 70 -0.57 -17.59 -2.53
N ARG A 71 0.59 -17.78 -3.16
CA ARG A 71 1.25 -16.67 -3.86
C ARG A 71 0.41 -16.19 -5.04
N ARG A 72 -0.34 -17.10 -5.68
CA ARG A 72 -1.17 -16.70 -6.81
C ARG A 72 -2.35 -15.87 -6.34
N ALA A 73 -3.01 -16.28 -5.26
CA ALA A 73 -4.12 -15.50 -4.73
C ALA A 73 -3.64 -14.13 -4.25
N VAL A 74 -2.45 -14.09 -3.66
CA VAL A 74 -1.91 -12.81 -3.20
C VAL A 74 -1.56 -11.92 -4.38
N GLU A 75 -0.91 -12.48 -5.41
CA GLU A 75 -0.53 -11.66 -6.56
C GLU A 75 -1.75 -11.19 -7.33
N VAL A 76 -2.75 -12.06 -7.49
CA VAL A 76 -3.97 -11.69 -8.20
C VAL A 76 -4.72 -10.61 -7.43
N ALA A 77 -4.86 -10.79 -6.12
CA ALA A 77 -5.57 -9.80 -5.31
C ALA A 77 -4.81 -8.48 -5.25
N THR A 78 -3.48 -8.54 -5.21
CA THR A 78 -2.68 -7.31 -5.16
C THR A 78 -2.88 -6.48 -6.42
N GLN A 79 -2.70 -7.09 -7.59
CA GLN A 79 -2.82 -6.35 -8.84
C GLN A 79 -4.23 -5.85 -9.11
N ARG A 80 -5.24 -6.50 -8.55
CA ARG A 80 -6.60 -5.98 -8.68
C ARG A 80 -6.75 -4.70 -7.87
N TRP A 81 -6.11 -4.63 -6.70
CA TRP A 81 -6.13 -3.41 -5.91
C TRP A 81 -5.26 -2.34 -6.55
N VAL A 82 -4.06 -2.73 -7.01
CA VAL A 82 -3.15 -1.77 -7.62
C VAL A 82 -3.75 -1.18 -8.89
N ALA A 83 -4.54 -1.98 -9.63
CA ALA A 83 -5.20 -1.46 -10.82
C ALA A 83 -6.26 -0.42 -10.48
N SER A 84 -6.94 -0.57 -9.34
CA SER A 84 -8.03 0.33 -9.00
C SER A 84 -7.55 1.65 -8.40
N THR A 85 -6.46 1.64 -7.64
CA THR A 85 -6.01 2.85 -6.96
C THR A 85 -4.53 2.72 -6.65
N ALA A 86 -3.89 3.87 -6.47
CA ALA A 86 -2.51 3.92 -6.01
C ALA A 86 -2.40 3.98 -4.50
N ASP A 87 -3.52 4.05 -3.79
CA ASP A 87 -3.48 4.05 -2.34
C ASP A 87 -3.04 2.68 -1.82
N GLU A 88 -2.57 2.67 -0.57
CA GLU A 88 -2.19 1.44 0.08
C GLU A 88 -3.40 0.56 0.35
N GLY A 89 -3.16 -0.74 0.45
CA GLY A 89 -4.22 -1.70 0.69
C GLY A 89 -3.90 -2.61 1.85
N ALA A 90 -4.96 -3.13 2.46
CA ALA A 90 -4.86 -4.08 3.56
C ALA A 90 -5.21 -5.46 3.04
N LEU A 91 -4.20 -6.27 2.78
CA LEU A 91 -4.37 -7.62 2.27
C LEU A 91 -4.30 -8.63 3.41
N ARG A 92 -5.28 -9.52 3.46
CA ARG A 92 -5.37 -10.52 4.53
C ARG A 92 -5.53 -11.92 3.92
N LEU A 93 -4.84 -12.88 4.53
CA LEU A 93 -4.93 -14.28 4.14
C LEU A 93 -5.76 -15.00 5.20
N ILE A 94 -6.93 -15.50 4.80
CA ILE A 94 -7.82 -16.20 5.72
C ILE A 94 -7.71 -17.70 5.45
N TYR A 95 -7.33 -18.45 6.48
CA TYR A 95 -7.07 -19.89 6.36
C TYR A 95 -7.74 -20.57 7.55
N SER A 96 -8.90 -21.19 7.30
CA SER A 96 -9.67 -21.84 8.36
C SER A 96 -9.70 -23.34 8.13
N ARG A 97 -10.12 -24.06 9.17
CA ARG A 97 -10.19 -25.52 9.14
C ARG A 97 -11.22 -26.03 8.15
N GLY A 98 -12.09 -25.17 7.64
CA GLY A 98 -13.12 -25.57 6.71
C GLY A 98 -14.47 -25.69 7.40
N ARG A 99 -15.41 -26.28 6.68
CA ARG A 99 -16.75 -26.42 7.21
C ARG A 99 -16.78 -27.45 8.33
N GLU A 100 -17.76 -27.30 9.22
CA GLU A 100 -17.94 -28.26 10.30
C GLU A 100 -18.35 -29.59 9.70
N GLY A 101 -17.61 -30.65 10.04
CA GLY A 101 -17.85 -31.96 9.47
C GLY A 101 -17.25 -32.18 8.11
N GLY A 102 -16.85 -31.12 7.40
CA GLY A 102 -16.21 -31.24 6.12
C GLY A 102 -14.71 -31.47 6.23
N SER A 103 -14.08 -31.65 5.08
CA SER A 103 -12.65 -31.95 5.02
C SER A 103 -11.83 -30.85 4.38
N ALA A 104 -12.31 -30.23 3.30
CA ALA A 104 -11.53 -29.21 2.62
C ALA A 104 -11.42 -27.97 3.49
N PRO A 105 -10.22 -27.44 3.72
CA PRO A 105 -10.07 -26.21 4.49
C PRO A 105 -10.46 -24.99 3.67
N THR A 106 -10.87 -23.95 4.38
CA THR A 106 -11.24 -22.69 3.76
C THR A 106 -10.00 -21.81 3.61
N ALA A 107 -9.80 -21.25 2.42
CA ALA A 107 -8.62 -20.45 2.14
C ALA A 107 -8.98 -19.39 1.11
N TYR A 108 -8.76 -18.12 1.44
CA TYR A 108 -8.99 -17.05 0.49
C TYR A 108 -8.16 -15.84 0.89
N VAL A 109 -8.06 -14.90 -0.03
CA VAL A 109 -7.31 -13.66 0.16
C VAL A 109 -8.27 -12.50 -0.04
N MET A 110 -8.15 -11.49 0.81
CA MET A 110 -9.05 -10.34 0.79
C MET A 110 -8.25 -9.07 0.91
N VAL A 111 -8.54 -8.11 0.04
CA VAL A 111 -7.93 -6.78 0.11
C VAL A 111 -9.02 -5.76 0.40
N SER A 112 -8.71 -4.82 1.28
CA SER A 112 -9.64 -3.81 1.74
C SER A 112 -8.88 -2.49 1.89
N PRO A 113 -9.57 -1.36 1.99
CA PRO A 113 -8.86 -0.10 2.22
C PRO A 113 -8.18 -0.08 3.58
N VAL A 114 -7.06 0.63 3.63
CA VAL A 114 -6.38 0.83 4.91
C VAL A 114 -7.22 1.78 5.77
N PRO A 115 -7.54 1.43 7.01
CA PRO A 115 -8.41 2.28 7.82
C PRO A 115 -7.78 3.63 8.12
N ALA A 116 -8.64 4.60 8.39
CA ALA A 116 -8.18 5.95 8.68
C ALA A 116 -7.38 6.04 9.97
N ARG A 117 -7.60 5.10 10.91
CA ARG A 117 -6.82 5.08 12.14
C ARG A 117 -5.34 4.84 11.87
N VAL A 118 -5.00 4.26 10.72
CA VAL A 118 -3.61 3.94 10.41
C VAL A 118 -2.82 5.20 10.06
N ILE A 119 -3.44 6.11 9.31
CA ILE A 119 -2.74 7.33 8.91
C ILE A 119 -2.45 8.20 10.13
N GLY A 120 -3.36 8.21 11.10
CA GLY A 120 -3.13 8.98 12.31
C GLY A 120 -2.09 8.36 13.22
N ALA A 121 -2.11 7.03 13.35
CA ALA A 121 -1.15 6.37 14.22
C ALA A 121 0.27 6.50 13.69
N ARG A 122 0.45 6.43 12.37
CA ARG A 122 1.77 6.65 11.79
C ARG A 122 2.21 8.09 12.00
N ARG A 123 1.33 9.04 11.70
CA ARG A 123 1.69 10.45 11.74
C ARG A 123 1.77 10.96 13.17
N ASP A 124 0.76 10.69 13.97
CA ASP A 124 0.64 11.28 15.30
C ASP A 124 1.07 10.36 16.42
N GLY A 125 0.93 9.05 16.25
CA GLY A 125 1.16 8.15 17.35
C GLY A 125 -0.13 7.87 18.08
N VAL A 126 0.01 7.22 19.24
CA VAL A 126 -1.12 6.76 20.02
C VAL A 126 -0.84 6.95 21.51
N SER A 127 -1.92 7.04 22.28
CA SER A 127 -1.86 6.98 23.73
C SER A 127 -2.26 5.57 24.14
N ALA A 128 -1.40 4.90 24.91
CA ALA A 128 -1.62 3.51 25.27
C ALA A 128 -1.69 3.36 26.79
N ILE A 129 -2.31 2.26 27.21
CA ILE A 129 -2.37 1.88 28.61
C ILE A 129 -1.89 0.44 28.74
N THR A 130 -1.21 0.15 29.84
CA THR A 130 -0.82 -1.20 30.14
C THR A 130 -1.99 -1.95 30.77
N LEU A 131 -2.18 -3.19 30.34
CA LEU A 131 -3.27 -4.02 30.83
C LEU A 131 -2.76 -5.43 31.07
N ASP A 132 -3.22 -6.04 32.16
CA ASP A 132 -2.83 -7.41 32.45
C ASP A 132 -3.37 -8.35 31.38
N ARG A 133 -2.50 -9.18 30.83
CA ARG A 133 -2.89 -10.13 29.79
C ARG A 133 -3.59 -11.35 30.36
N GLY A 134 -3.32 -11.68 31.62
CA GLY A 134 -3.87 -12.86 32.24
C GLY A 134 -3.00 -14.10 32.11
N LEU A 135 -1.93 -14.03 31.31
CA LEU A 135 -0.96 -15.08 31.13
C LEU A 135 0.34 -14.73 31.85
N PRO A 136 1.00 -15.70 32.46
CA PRO A 136 2.35 -15.45 32.98
C PRO A 136 3.39 -15.53 31.87
N ALA A 137 4.55 -14.92 32.12
CA ALA A 137 5.58 -14.85 31.10
C ALA A 137 6.13 -16.23 30.75
N ASP A 138 6.12 -17.17 31.71
CA ASP A 138 6.56 -18.53 31.44
C ASP A 138 5.49 -19.36 30.75
N GLY A 139 4.32 -18.80 30.50
CA GLY A 139 3.19 -19.57 29.99
C GLY A 139 3.39 -20.10 28.58
N GLY A 140 4.24 -19.44 27.79
CA GLY A 140 4.46 -19.88 26.43
C GLY A 140 5.15 -21.23 26.38
N ASP A 141 6.12 -21.44 27.26
CA ASP A 141 6.89 -22.68 27.28
C ASP A 141 6.26 -23.71 28.20
N ALA A 142 5.73 -23.28 29.35
CA ALA A 142 5.11 -24.21 30.27
C ALA A 142 3.76 -24.71 29.78
N MET A 143 3.09 -23.94 28.94
CA MET A 143 1.77 -24.28 28.41
C MET A 143 1.74 -24.13 26.90
N PRO A 144 2.31 -25.09 26.17
CA PRO A 144 2.26 -25.00 24.70
C PRO A 144 0.87 -25.21 24.15
N TRP A 145 -0.03 -25.82 24.92
CA TRP A 145 -1.40 -26.06 24.47
C TRP A 145 -2.19 -24.77 24.29
N LEU A 146 -1.73 -23.66 24.89
CA LEU A 146 -2.39 -22.39 24.72
C LEU A 146 -2.07 -21.72 23.39
N ILE A 147 -1.15 -22.28 22.61
CA ILE A 147 -0.78 -21.85 21.26
C ILE A 147 -0.74 -20.33 21.16
N ALA A 148 -0.18 -19.68 22.18
CA ALA A 148 -0.13 -18.22 22.21
C ALA A 148 0.76 -17.65 21.12
N SER A 149 1.61 -18.46 20.51
CA SER A 149 2.48 -18.03 19.42
C SER A 149 1.83 -18.16 18.05
N ALA A 150 0.58 -18.62 18.00
CA ALA A 150 -0.14 -18.82 16.75
C ALA A 150 -1.02 -17.60 16.48
N LYS A 151 -0.96 -17.09 15.24
CA LYS A 151 -1.81 -15.99 14.81
C LYS A 151 -3.13 -16.57 14.33
N THR A 152 -4.09 -16.69 15.26
CA THR A 152 -5.36 -17.32 14.97
C THR A 152 -6.43 -16.28 14.65
N LEU A 153 -7.56 -16.76 14.13
CA LEU A 153 -8.71 -15.92 13.86
C LEU A 153 -9.53 -15.63 15.10
N SER A 154 -9.11 -16.10 16.27
CA SER A 154 -9.88 -15.95 17.50
C SER A 154 -9.37 -14.71 18.24
N TYR A 155 -9.79 -13.54 17.75
CA TYR A 155 -9.31 -12.25 18.21
C TYR A 155 -10.37 -11.50 19.02
N ALA A 156 -11.31 -12.22 19.63
CA ALA A 156 -12.37 -11.56 20.38
C ALA A 156 -11.80 -10.80 21.58
N VAL A 157 -10.84 -11.41 22.27
CA VAL A 157 -10.24 -10.74 23.43
C VAL A 157 -9.39 -9.56 22.97
N ASN A 158 -8.66 -9.72 21.87
CA ASN A 158 -7.84 -8.63 21.35
C ASN A 158 -8.69 -7.40 21.03
N MET A 159 -9.84 -7.61 20.40
CA MET A 159 -10.70 -6.50 20.01
C MET A 159 -11.45 -5.92 21.20
N ALA A 160 -11.86 -6.78 22.15
CA ALA A 160 -12.54 -6.28 23.34
C ALA A 160 -11.61 -5.43 24.20
N VAL A 161 -10.34 -5.85 24.29
CA VAL A 161 -9.37 -5.08 25.07
C VAL A 161 -9.16 -3.70 24.45
N LEU A 162 -9.14 -3.63 23.12
CA LEU A 162 -8.97 -2.33 22.46
C LEU A 162 -10.17 -1.43 22.69
N ARG A 163 -11.38 -2.00 22.71
CA ARG A 163 -12.56 -1.20 22.97
C ARG A 163 -12.58 -0.70 24.42
N HIS A 164 -12.08 -1.50 25.36
CA HIS A 164 -12.02 -1.06 26.75
C HIS A 164 -11.13 0.17 26.90
N ALA A 165 -9.98 0.18 26.21
CA ALA A 165 -9.08 1.32 26.29
C ALA A 165 -9.64 2.52 25.53
N ALA A 166 -10.46 2.27 24.50
CA ALA A 166 -11.05 3.38 23.76
C ALA A 166 -11.99 4.19 24.65
N ARG A 167 -12.72 3.50 25.54
CA ARG A 167 -13.58 4.18 26.49
C ARG A 167 -12.78 5.00 27.51
N GLN A 168 -11.47 4.80 27.59
CA GLN A 168 -10.62 5.53 28.52
C GLN A 168 -9.69 6.51 27.81
N GLY A 169 -9.98 6.86 26.56
CA GLY A 169 -9.17 7.82 25.85
C GLY A 169 -7.84 7.30 25.35
N ALA A 170 -7.62 5.99 25.40
CA ALA A 170 -6.37 5.38 24.96
C ALA A 170 -6.54 4.80 23.57
N GLY A 171 -5.52 4.98 22.73
CA GLY A 171 -5.58 4.54 21.36
C GLY A 171 -5.13 3.10 21.13
N ASP A 172 -4.44 2.53 22.11
CA ASP A 172 -3.97 1.15 21.98
C ASP A 172 -3.66 0.62 23.39
N VAL A 173 -3.11 -0.58 23.45
CA VAL A 173 -2.88 -1.29 24.71
C VAL A 173 -1.53 -1.98 24.64
N ILE A 174 -0.83 -2.04 25.77
CA ILE A 174 0.38 -2.84 25.91
C ILE A 174 0.09 -3.93 26.93
N PHE A 175 0.12 -5.19 26.48
CA PHE A 175 -0.15 -6.31 27.37
C PHE A 175 1.03 -6.53 28.31
N VAL A 176 0.73 -6.70 29.58
CA VAL A 176 1.71 -7.05 30.59
C VAL A 176 1.29 -8.37 31.21
N SER A 177 2.25 -9.25 31.45
CA SER A 177 1.92 -10.52 32.07
C SER A 177 1.56 -10.32 33.53
N THR A 178 0.90 -11.33 34.10
CA THR A 178 0.59 -11.29 35.52
C THR A 178 1.86 -11.19 36.35
N ASP A 179 2.96 -11.75 35.81
CA ASP A 179 4.27 -11.63 36.43
C ASP A 179 4.83 -10.21 36.31
N GLY A 180 4.27 -9.39 35.43
CA GLY A 180 4.71 -8.01 35.29
C GLY A 180 5.66 -7.71 34.14
N TYR A 181 5.83 -8.63 33.19
CA TYR A 181 6.71 -8.42 32.06
C TYR A 181 5.94 -7.91 30.84
N VAL A 182 6.59 -7.04 30.07
CA VAL A 182 5.96 -6.52 28.86
C VAL A 182 5.87 -7.63 27.82
N LEU A 183 4.69 -7.80 27.25
CA LEU A 183 4.47 -8.84 26.25
C LEU A 183 4.40 -8.25 24.84
N GLU A 184 3.23 -7.75 24.48
CA GLU A 184 2.99 -7.20 23.14
C GLU A 184 1.72 -6.37 23.20
N GLY A 185 1.30 -5.87 22.04
CA GLY A 185 0.02 -5.22 21.92
C GLY A 185 -1.03 -6.20 21.43
N PRO A 186 -2.31 -5.84 21.57
CA PRO A 186 -3.37 -6.71 21.03
C PRO A 186 -3.33 -6.82 19.52
N ARG A 187 -2.60 -5.94 18.84
CA ARG A 187 -2.50 -6.01 17.39
C ARG A 187 -1.15 -5.51 16.87
N SER A 188 -0.10 -5.53 17.71
CA SER A 188 1.19 -4.98 17.31
C SER A 188 2.27 -5.57 18.19
N THR A 189 3.52 -5.31 17.79
CA THR A 189 4.70 -5.74 18.52
C THR A 189 5.34 -4.53 19.20
N VAL A 190 5.75 -4.71 20.46
CA VAL A 190 6.30 -3.62 21.26
C VAL A 190 7.81 -3.56 21.05
N VAL A 191 8.29 -2.42 20.56
CA VAL A 191 9.71 -2.16 20.40
C VAL A 191 10.03 -0.86 21.13
N ILE A 192 11.08 -0.89 21.96
CA ILE A 192 11.50 0.28 22.71
C ILE A 192 12.92 0.64 22.30
N ALA A 193 13.37 1.82 22.75
CA ALA A 193 14.66 2.40 22.36
C ALA A 193 15.42 2.76 23.62
N THR A 194 16.52 2.04 23.87
CA THR A 194 17.37 2.24 25.03
C THR A 194 18.80 2.49 24.55
N ASP A 195 19.61 3.10 25.41
CA ASP A 195 21.02 3.36 25.07
C ASP A 195 21.88 2.16 25.44
N PRO A 203 21.76 4.23 21.20
CA PRO A 203 21.00 3.74 20.05
C PRO A 203 20.85 2.22 20.03
N CYS A 204 19.94 1.69 20.82
CA CYS A 204 19.71 0.25 20.92
C CYS A 204 18.22 -0.01 20.95
N LEU A 205 17.77 -1.00 20.18
CA LEU A 205 16.36 -1.35 20.08
C LEU A 205 16.11 -2.68 20.79
N LEU A 206 15.07 -2.71 21.60
CA LEU A 206 14.74 -3.90 22.39
C LEU A 206 13.28 -4.28 22.16
N THR A 207 13.00 -5.56 22.34
CA THR A 207 11.66 -6.12 22.18
C THR A 207 11.56 -7.37 23.03
N PRO A 208 10.37 -7.71 23.52
CA PRO A 208 10.24 -8.90 24.35
C PRO A 208 10.63 -10.15 23.60
N PRO A 209 11.14 -11.17 24.29
CA PRO A 209 11.64 -12.35 23.60
C PRO A 209 10.51 -13.22 23.09
N PRO A 210 10.72 -13.99 22.02
CA PRO A 210 9.60 -14.72 21.39
C PRO A 210 9.12 -15.91 22.18
N TRP A 211 9.90 -16.45 23.12
CA TRP A 211 9.39 -17.55 23.93
C TRP A 211 8.34 -17.10 24.93
N TYR A 212 8.13 -15.80 25.06
CA TYR A 212 6.98 -15.29 25.79
C TYR A 212 5.71 -15.65 25.02
N PRO A 213 4.56 -15.69 25.70
CA PRO A 213 3.30 -15.99 24.99
C PRO A 213 2.88 -14.86 24.05
N ILE A 214 3.71 -14.59 23.03
CA ILE A 214 3.49 -13.48 22.11
C ILE A 214 3.75 -13.98 20.69
N LEU A 215 3.35 -13.15 19.73
CA LEU A 215 3.64 -13.41 18.32
C LEU A 215 5.02 -12.87 17.95
N ARG A 216 5.66 -13.53 16.99
CA ARG A 216 6.90 -13.00 16.42
C ARG A 216 6.52 -11.99 15.35
N GLY A 217 6.96 -10.75 15.52
CA GLY A 217 6.57 -9.71 14.57
C GLY A 217 7.40 -9.73 13.31
N THR A 218 6.76 -9.95 12.16
CA THR A 218 7.47 -9.90 10.89
C THR A 218 8.06 -8.51 10.66
N THR A 219 7.30 -7.46 10.96
CA THR A 219 7.80 -6.11 10.79
C THR A 219 8.92 -5.82 11.78
N GLN A 220 8.78 -6.30 13.01
CA GLN A 220 9.82 -6.08 14.01
C GLN A 220 11.13 -6.76 13.62
N GLN A 221 11.03 -8.01 13.13
CA GLN A 221 12.26 -8.73 12.75
C GLN A 221 12.92 -8.08 11.54
N ALA A 222 12.13 -7.71 10.53
CA ALA A 222 12.68 -7.01 9.39
C ALA A 222 13.27 -5.66 9.81
N LEU A 223 12.69 -5.04 10.83
CA LEU A 223 13.25 -3.82 11.39
C LEU A 223 14.60 -4.08 12.04
N PHE A 224 14.73 -5.18 12.79
CA PHE A 224 16.01 -5.47 13.43
C PHE A 224 17.11 -5.70 12.42
N GLU A 225 16.78 -6.28 11.26
CA GLU A 225 17.81 -6.56 10.25
C GLU A 225 18.36 -5.27 9.65
N VAL A 226 17.47 -4.34 9.28
CA VAL A 226 17.92 -3.11 8.65
C VAL A 226 18.61 -2.21 9.67
N ALA A 227 18.13 -2.23 10.92
CA ALA A 227 18.69 -1.36 11.96
C ALA A 227 20.10 -1.78 12.35
N ARG A 228 20.37 -3.09 12.41
CA ARG A 228 21.71 -3.55 12.75
C ARG A 228 22.75 -3.10 11.72
N ALA A 229 22.36 -3.08 10.45
CA ALA A 229 23.26 -2.66 9.38
C ALA A 229 23.52 -1.15 9.38
N LYS A 230 22.75 -0.39 10.14
CA LYS A 230 22.90 1.06 10.19
C LYS A 230 23.62 1.53 11.45
N GLY A 231 24.05 0.60 12.31
CA GLY A 231 24.81 0.92 13.50
C GLY A 231 24.06 0.69 14.80
N TYR A 232 22.75 0.41 14.72
CA TYR A 232 21.98 0.15 15.92
C TYR A 232 22.14 -1.29 16.37
N ASP A 233 22.30 -1.47 17.68
CA ASP A 233 22.31 -2.80 18.25
C ASP A 233 20.89 -3.17 18.67
N CYS A 234 20.45 -4.36 18.30
CA CYS A 234 19.12 -4.83 18.63
C CYS A 234 19.23 -6.15 19.37
N ASP A 235 18.33 -6.37 20.30
CA ASP A 235 18.41 -7.56 21.13
C ASP A 235 17.05 -7.82 21.77
N TYR A 236 16.90 -9.03 22.28
CA TYR A 236 15.66 -9.48 22.93
C TYR A 236 15.90 -9.54 24.43
N ARG A 237 15.15 -8.73 25.18
CA ARG A 237 15.34 -8.61 26.62
C ARG A 237 14.00 -8.74 27.33
N ALA A 238 14.08 -9.10 28.61
CA ALA A 238 12.92 -9.17 29.50
C ALA A 238 12.60 -7.76 29.99
N LEU A 239 11.59 -7.14 29.41
CA LEU A 239 11.24 -5.76 29.73
C LEU A 239 10.14 -5.70 30.78
N ARG A 240 10.25 -4.72 31.67
CA ARG A 240 9.22 -4.41 32.66
C ARG A 240 8.68 -3.01 32.39
N VAL A 241 7.64 -2.65 33.13
CA VAL A 241 6.96 -1.37 32.92
C VAL A 241 7.92 -0.21 33.17
N ALA A 242 8.84 -0.37 34.13
CA ALA A 242 9.83 0.68 34.37
C ALA A 242 10.68 0.93 33.13
N ASP A 243 11.02 -0.13 32.41
CA ASP A 243 11.78 0.03 31.17
C ASP A 243 11.00 0.80 30.12
N LEU A 244 9.66 0.79 30.21
CA LEU A 244 8.85 1.56 29.26
C LEU A 244 8.96 3.05 29.51
N PHE A 245 8.92 3.46 30.78
CA PHE A 245 8.95 4.89 31.10
C PHE A 245 10.35 5.47 31.03
N ASP A 246 11.38 4.64 31.24
CA ASP A 246 12.77 5.11 31.18
C ASP A 246 13.38 4.97 29.79
N SER A 247 12.62 4.53 28.80
CA SER A 247 13.13 4.35 27.46
C SER A 247 13.18 5.67 26.70
N GLN A 248 13.92 5.68 25.60
CA GLN A 248 13.95 6.83 24.71
C GLN A 248 12.72 6.90 23.81
N GLY A 249 12.04 5.77 23.61
CA GLY A 249 10.84 5.75 22.79
C GLY A 249 10.14 4.41 22.82
N ILE A 250 8.83 4.40 22.63
CA ILE A 250 8.06 3.17 22.51
C ILE A 250 7.27 3.22 21.21
N TRP A 251 7.27 2.11 20.48
CA TRP A 251 6.51 1.99 19.24
C TRP A 251 5.76 0.67 19.23
N LEU A 252 4.55 0.70 18.68
CA LEU A 252 3.76 -0.50 18.42
C LEU A 252 3.88 -0.78 16.92
N VAL A 253 4.70 -1.76 16.56
CA VAL A 253 5.03 -2.04 15.16
C VAL A 253 4.18 -3.19 14.66
N SER A 254 3.71 -3.08 13.42
CA SER A 254 2.87 -4.10 12.81
C SER A 254 2.94 -3.96 11.29
N SER A 255 2.28 -4.89 10.60
CA SER A 255 2.42 -4.98 9.15
C SER A 255 1.66 -3.86 8.43
N MET A 256 0.49 -3.48 8.94
CA MET A 256 -0.33 -2.47 8.30
C MET A 256 -0.08 -1.07 8.86
N THR A 257 -0.07 -0.94 10.19
CA THR A 257 0.18 0.35 10.82
C THR A 257 1.65 0.75 10.77
N LEU A 258 2.55 -0.21 10.49
CA LEU A 258 3.99 0.03 10.43
C LEU A 258 4.55 0.40 11.79
N ALA A 259 4.46 1.67 12.16
CA ALA A 259 5.04 2.15 13.41
C ALA A 259 4.11 3.19 14.02
N ALA A 260 3.61 2.91 15.22
CA ALA A 260 2.77 3.83 15.97
C ALA A 260 3.49 4.18 17.26
N ARG A 261 4.01 5.41 17.32
CA ARG A 261 4.70 5.87 18.52
C ARG A 261 3.72 6.08 19.66
N VAL A 262 4.11 5.65 20.86
CA VAL A 262 3.29 5.85 22.05
C VAL A 262 3.71 7.19 22.66
N HIS A 263 2.87 8.22 22.48
CA HIS A 263 3.16 9.52 23.06
C HIS A 263 2.66 9.66 24.49
N THR A 264 1.74 8.80 24.92
CA THR A 264 1.21 8.85 26.28
C THR A 264 1.01 7.42 26.76
N LEU A 265 1.63 7.07 27.88
CA LEU A 265 1.54 5.73 28.46
C LEU A 265 0.94 5.84 29.84
N ASP A 266 -0.25 5.25 30.03
CA ASP A 266 -0.96 5.27 31.31
C ASP A 266 -1.12 6.71 31.81
N GLY A 267 -1.49 7.61 30.90
CA GLY A 267 -1.70 9.00 31.24
C GLY A 267 -0.45 9.86 31.32
N ARG A 268 0.74 9.26 31.34
CA ARG A 268 1.97 10.01 31.46
C ARG A 268 2.53 10.29 30.06
N ARG A 269 2.66 11.57 29.72
CA ARG A 269 3.15 11.95 28.40
C ARG A 269 4.65 11.71 28.29
N LEU A 270 5.07 11.18 27.13
CA LEU A 270 6.47 10.84 26.90
C LEU A 270 7.12 11.81 25.94
N PRO A 271 8.33 12.28 26.25
CA PRO A 271 9.01 13.25 25.38
C PRO A 271 9.44 12.61 24.06
N ARG A 272 9.66 13.47 23.07
CA ARG A 272 10.10 13.02 21.75
C ARG A 272 11.62 13.08 21.65
N THR A 273 12.21 12.04 21.07
CA THR A 273 13.64 11.85 20.96
C THR A 273 14.05 11.88 19.49
N PRO A 274 15.27 12.35 19.18
CA PRO A 274 15.75 12.29 17.79
C PRO A 274 15.60 10.93 17.13
N ILE A 275 15.53 9.86 17.92
CA ILE A 275 15.32 8.53 17.34
C ILE A 275 13.90 8.39 16.80
N ALA A 276 12.99 9.28 17.20
CA ALA A 276 11.62 9.19 16.71
C ALA A 276 11.54 9.61 15.26
N GLU A 277 12.46 10.49 14.84
CA GLU A 277 12.47 10.94 13.46
C GLU A 277 13.00 9.84 12.54
N VAL A 278 13.98 9.08 13.02
CA VAL A 278 14.63 8.03 12.24
C VAL A 278 13.84 6.72 12.24
N PHE A 279 13.06 6.46 13.30
CA PHE A 279 12.43 5.15 13.45
C PHE A 279 11.46 4.84 12.30
N ALA A 280 10.67 5.82 11.90
CA ALA A 280 9.72 5.60 10.82
C ALA A 280 10.44 5.26 9.52
N GLU A 281 11.57 5.92 9.26
CA GLU A 281 12.36 5.60 8.08
C GLU A 281 12.92 4.19 8.12
N LEU A 282 13.30 3.73 9.31
CA LEU A 282 13.81 2.37 9.45
C LEU A 282 12.74 1.33 9.13
N VAL A 283 11.50 1.58 9.55
CA VAL A 283 10.44 0.62 9.26
C VAL A 283 10.04 0.68 7.79
N ASP A 284 10.12 1.86 7.18
CA ASP A 284 9.80 1.98 5.76
C ASP A 284 10.76 1.15 4.91
N ALA A 285 12.06 1.27 5.18
CA ALA A 285 13.04 0.48 4.45
C ALA A 285 12.98 -1.00 4.82
N ALA A 286 12.46 -1.32 6.01
CA ALA A 286 12.38 -2.72 6.43
C ALA A 286 11.36 -3.49 5.61
N ILE A 287 10.17 -2.92 5.41
CA ILE A 287 9.09 -3.62 4.71
C ILE A 287 9.33 -3.79 3.22
N VAL A 288 10.35 -3.12 2.66
CA VAL A 288 10.73 -3.31 1.26
C VAL A 288 12.11 -3.94 1.14
N SER A 289 12.72 -4.33 2.25
CA SER A 289 14.05 -4.93 2.22
C SER A 289 14.09 -6.25 1.46
N ASP A 290 12.95 -6.94 1.35
CA ASP A 290 12.87 -8.13 0.50
C ASP A 290 13.11 -7.80 -0.96
N ARG A 291 12.76 -6.60 -1.39
CA ARG A 291 12.99 -6.17 -2.76
C ARG A 291 14.39 -5.61 -2.95
N ASN B 1 -28.16 -32.06 5.88
CA ASN B 1 -27.05 -31.90 6.81
C ASN B 1 -27.31 -30.75 7.80
N ALA B 2 -26.97 -29.54 7.37
CA ALA B 2 -27.06 -28.35 8.20
C ALA B 2 -28.29 -27.54 7.82
N MET B 3 -28.95 -26.97 8.82
CA MET B 3 -30.15 -26.16 8.60
C MET B 3 -29.94 -24.79 9.23
N VAL B 4 -30.36 -23.75 8.52
CA VAL B 4 -30.14 -22.36 8.92
C VAL B 4 -31.47 -21.64 8.96
N VAL B 5 -31.70 -20.88 10.02
CA VAL B 5 -32.92 -20.09 10.20
C VAL B 5 -32.53 -18.69 10.62
N THR B 6 -32.78 -17.71 9.76
CA THR B 6 -32.50 -16.31 10.05
C THR B 6 -33.56 -15.74 10.99
N LEU B 7 -33.25 -14.58 11.58
CA LEU B 7 -34.16 -13.96 12.53
C LEU B 7 -35.49 -13.54 11.91
N ASP B 8 -35.55 -13.36 10.59
CA ASP B 8 -36.84 -13.15 9.95
C ASP B 8 -37.71 -14.40 10.00
N GLY B 9 -37.11 -15.57 10.18
CA GLY B 9 -37.86 -16.80 10.36
C GLY B 9 -37.96 -17.75 9.18
N GLU B 10 -37.24 -17.51 8.10
CA GLU B 10 -37.32 -18.35 6.92
C GLU B 10 -36.09 -19.26 6.86
N ILE B 11 -36.31 -20.48 6.34
CA ILE B 11 -35.29 -21.51 6.34
C ILE B 11 -34.51 -21.48 5.04
N LEU B 12 -33.21 -21.30 5.15
CA LEU B 12 -32.34 -21.09 4.00
C LEU B 12 -32.03 -22.40 3.31
N GLN B 13 -31.85 -22.32 1.99
CA GLN B 13 -31.61 -23.48 1.17
C GLN B 13 -30.30 -24.18 1.54
N PRO B 14 -30.30 -25.49 1.71
CA PRO B 14 -29.05 -26.18 2.07
C PRO B 14 -28.06 -26.12 0.92
N GLY B 15 -26.77 -26.05 1.30
CA GLY B 15 -25.73 -25.95 0.30
C GLY B 15 -25.44 -24.55 -0.21
N MET B 16 -26.00 -23.53 0.41
CA MET B 16 -25.76 -22.17 -0.05
C MET B 16 -25.08 -21.34 1.04
N PRO B 17 -24.09 -20.53 0.68
CA PRO B 17 -23.39 -19.73 1.69
C PRO B 17 -24.28 -18.64 2.25
N LEU B 18 -24.08 -18.34 3.53
CA LEU B 18 -24.80 -17.28 4.23
C LEU B 18 -23.93 -16.09 4.58
N LEU B 19 -22.69 -16.33 4.96
CA LEU B 19 -21.83 -15.29 5.51
C LEU B 19 -20.87 -14.78 4.45
N HIS B 20 -20.63 -13.46 4.48
CA HIS B 20 -19.67 -12.84 3.58
C HIS B 20 -18.25 -13.08 4.07
N ALA B 21 -17.29 -12.83 3.18
CA ALA B 21 -15.89 -13.07 3.50
C ALA B 21 -15.35 -12.08 4.53
N ASP B 22 -16.03 -10.97 4.74
CA ASP B 22 -15.59 -9.94 5.67
C ASP B 22 -16.42 -9.90 6.95
N ASP B 23 -17.23 -10.92 7.21
CA ASP B 23 -17.97 -10.97 8.46
C ASP B 23 -17.00 -11.12 9.63
N LEU B 24 -17.19 -10.31 10.67
CA LEU B 24 -16.24 -10.28 11.78
C LEU B 24 -16.22 -11.59 12.56
N ALA B 25 -17.24 -12.43 12.41
CA ALA B 25 -17.19 -13.75 13.03
C ALA B 25 -16.09 -14.61 12.41
N ALA B 26 -15.83 -14.44 11.13
CA ALA B 26 -14.85 -15.27 10.43
C ALA B 26 -13.45 -14.68 10.45
N VAL B 27 -13.32 -13.35 10.33
CA VAL B 27 -11.99 -12.78 10.24
C VAL B 27 -11.39 -12.54 11.62
N ARG B 28 -12.24 -12.33 12.65
CA ARG B 28 -11.72 -12.04 13.98
C ARG B 28 -12.43 -12.81 15.10
N GLY B 29 -13.33 -13.73 14.77
CA GLY B 29 -14.09 -14.42 15.81
C GLY B 29 -14.88 -13.49 16.71
N ASP B 30 -15.34 -12.36 16.18
CA ASP B 30 -15.91 -11.29 16.99
C ASP B 30 -17.43 -11.50 17.06
N GLY B 31 -17.85 -12.26 18.07
CA GLY B 31 -19.27 -12.51 18.26
C GLY B 31 -19.47 -13.43 19.43
N VAL B 32 -20.74 -13.67 19.75
CA VAL B 32 -21.12 -14.57 20.83
C VAL B 32 -22.06 -15.64 20.27
N PHE B 33 -22.16 -16.75 20.99
CA PHE B 33 -23.03 -17.83 20.55
C PHE B 33 -23.52 -18.61 21.75
N GLU B 34 -24.49 -19.49 21.48
CA GLU B 34 -25.06 -20.39 22.47
C GLU B 34 -25.31 -21.74 21.82
N THR B 35 -25.30 -22.80 22.61
CA THR B 35 -25.55 -24.16 22.13
C THR B 35 -26.67 -24.76 22.94
N LEU B 36 -27.69 -25.26 22.25
CA LEU B 36 -28.86 -25.84 22.88
C LEU B 36 -29.08 -27.25 22.35
N LEU B 37 -29.66 -28.09 23.20
CA LEU B 37 -29.96 -29.47 22.85
C LEU B 37 -31.46 -29.61 22.58
N VAL B 38 -31.79 -30.19 21.43
CA VAL B 38 -33.18 -30.53 21.11
C VAL B 38 -33.43 -31.97 21.53
N ARG B 39 -34.35 -32.16 22.47
CA ARG B 39 -34.66 -33.48 22.99
C ARG B 39 -36.17 -33.60 23.20
N ASP B 40 -36.75 -34.66 22.65
CA ASP B 40 -38.17 -34.96 22.80
C ASP B 40 -39.05 -33.79 22.35
N GLY B 41 -38.75 -33.29 21.16
CA GLY B 41 -39.62 -32.35 20.48
C GLY B 41 -39.41 -30.89 20.79
N ARG B 42 -38.44 -30.53 21.62
CA ARG B 42 -38.26 -29.13 22.00
C ARG B 42 -36.81 -28.88 22.38
N ALA B 43 -36.35 -27.66 22.10
CA ALA B 43 -35.06 -27.21 22.61
C ALA B 43 -35.14 -26.98 24.11
N CYS B 44 -34.07 -27.33 24.81
CA CYS B 44 -34.06 -27.34 26.26
C CYS B 44 -33.52 -26.03 26.82
N LEU B 45 -34.24 -25.47 27.79
CA LEU B 45 -33.78 -24.29 28.54
C LEU B 45 -33.47 -23.12 27.61
N VAL B 46 -34.49 -22.71 26.85
CA VAL B 46 -34.29 -21.62 25.90
C VAL B 46 -33.99 -20.31 26.62
N GLU B 47 -34.76 -20.00 27.66
CA GLU B 47 -34.59 -18.72 28.35
C GLU B 47 -33.21 -18.60 28.98
N ALA B 48 -32.72 -19.65 29.63
CA ALA B 48 -31.42 -19.59 30.27
C ALA B 48 -30.31 -19.37 29.25
N HIS B 49 -30.48 -19.88 28.03
CA HIS B 49 -29.48 -19.65 26.99
C HIS B 49 -29.61 -18.25 26.40
N LEU B 50 -30.83 -17.73 26.29
CA LEU B 50 -31.02 -16.37 25.81
C LEU B 50 -30.68 -15.33 26.88
N GLN B 51 -30.78 -15.71 28.16
CA GLN B 51 -30.35 -14.81 29.22
C GLN B 51 -28.83 -14.65 29.20
N ARG B 52 -28.11 -15.77 29.08
CA ARG B 52 -26.66 -15.70 28.97
C ARG B 52 -26.23 -15.06 27.65
N LEU B 53 -26.99 -15.31 26.58
CA LEU B 53 -26.70 -14.65 25.31
C LEU B 53 -26.84 -13.14 25.44
N THR B 54 -27.83 -12.67 26.19
CA THR B 54 -27.97 -11.23 26.42
C THR B 54 -26.77 -10.69 27.18
N GLN B 55 -26.27 -11.48 28.14
CA GLN B 55 -25.13 -11.02 28.94
C GLN B 55 -23.85 -11.04 28.12
N SER B 56 -23.65 -12.09 27.32
CA SER B 56 -22.47 -12.15 26.46
C SER B 56 -22.46 -11.00 25.47
N ALA B 57 -23.64 -10.60 24.97
CA ALA B 57 -23.70 -9.47 24.06
C ALA B 57 -23.34 -8.16 24.75
N ARG B 58 -23.72 -8.02 26.02
CA ARG B 58 -23.39 -6.80 26.76
C ARG B 58 -21.90 -6.71 27.03
N LEU B 59 -21.28 -7.82 27.42
CA LEU B 59 -19.84 -7.85 27.65
C LEU B 59 -19.05 -7.62 26.38
N MET B 60 -19.65 -7.85 25.22
CA MET B 60 -18.97 -7.71 23.94
C MET B 60 -19.36 -6.45 23.19
N ASP B 61 -20.08 -5.54 23.86
CA ASP B 61 -20.51 -4.28 23.25
C ASP B 61 -21.24 -4.52 21.94
N LEU B 62 -22.05 -5.54 21.92
CA LEU B 62 -22.92 -5.96 20.85
C LEU B 62 -24.33 -5.42 21.07
N PRO B 63 -25.08 -5.16 20.01
CA PRO B 63 -26.47 -4.72 20.18
C PRO B 63 -27.25 -5.71 21.01
N GLU B 64 -28.13 -5.19 21.85
CA GLU B 64 -28.90 -6.01 22.77
C GLU B 64 -29.76 -6.98 21.97
N PRO B 65 -29.64 -8.29 22.19
CA PRO B 65 -30.38 -9.25 21.35
C PRO B 65 -31.88 -9.10 21.53
N ASP B 66 -32.59 -9.16 20.40
CA ASP B 66 -34.05 -9.10 20.38
C ASP B 66 -34.58 -10.47 20.76
N LEU B 67 -34.96 -10.63 22.03
CA LEU B 67 -35.38 -11.95 22.50
C LEU B 67 -36.64 -12.46 21.81
N PRO B 68 -37.68 -11.66 21.55
CA PRO B 68 -38.82 -12.19 20.77
C PRO B 68 -38.43 -12.65 19.39
N ARG B 69 -37.46 -11.99 18.75
CA ARG B 69 -37.00 -12.40 17.43
C ARG B 69 -36.20 -13.69 17.51
N TRP B 70 -35.39 -13.84 18.55
CA TRP B 70 -34.61 -15.07 18.73
C TRP B 70 -35.51 -16.26 19.07
N ARG B 71 -36.56 -16.04 19.87
CA ARG B 71 -37.45 -17.14 20.23
C ARG B 71 -38.21 -17.68 19.02
N ARG B 72 -38.51 -16.83 18.05
CA ARG B 72 -39.19 -17.32 16.85
C ARG B 72 -38.24 -18.13 15.98
N ALA B 73 -37.00 -17.67 15.80
CA ALA B 73 -36.06 -18.41 14.98
C ALA B 73 -35.76 -19.78 15.58
N VAL B 74 -35.65 -19.87 16.90
CA VAL B 74 -35.41 -21.16 17.53
C VAL B 74 -36.66 -22.04 17.41
N GLU B 75 -37.85 -21.46 17.56
CA GLU B 75 -39.07 -22.24 17.47
C GLU B 75 -39.28 -22.77 16.06
N VAL B 76 -38.98 -21.95 15.05
CA VAL B 76 -39.10 -22.39 13.67
C VAL B 76 -38.09 -23.49 13.39
N ALA B 77 -36.85 -23.29 13.82
CA ALA B 77 -35.82 -24.30 13.60
C ALA B 77 -36.11 -25.57 14.38
N THR B 78 -36.65 -25.44 15.60
CA THR B 78 -36.98 -26.61 16.40
C THR B 78 -38.05 -27.47 15.72
N GLN B 79 -39.16 -26.83 15.30
CA GLN B 79 -40.23 -27.60 14.67
C GLN B 79 -39.80 -28.20 13.34
N ARG B 80 -38.83 -27.59 12.67
CA ARG B 80 -38.31 -28.16 11.43
C ARG B 80 -37.45 -29.38 11.69
N TRP B 81 -36.67 -29.38 12.77
CA TRP B 81 -35.84 -30.53 13.11
C TRP B 81 -36.68 -31.67 13.65
N VAL B 82 -37.63 -31.38 14.53
CA VAL B 82 -38.46 -32.43 15.12
C VAL B 82 -39.30 -33.11 14.04
N ALA B 83 -39.76 -32.33 13.05
CA ALA B 83 -40.49 -32.92 11.94
C ALA B 83 -39.58 -33.79 11.07
N SER B 84 -38.31 -33.44 10.96
CA SER B 84 -37.40 -34.17 10.10
C SER B 84 -36.89 -35.46 10.74
N THR B 85 -36.70 -35.48 12.05
CA THR B 85 -36.13 -36.65 12.71
C THR B 85 -36.48 -36.63 14.19
N ALA B 86 -36.46 -37.82 14.79
CA ALA B 86 -36.64 -37.97 16.22
C ALA B 86 -35.33 -37.95 17.00
N ASP B 87 -34.20 -37.93 16.30
CA ASP B 87 -32.92 -37.87 16.99
C ASP B 87 -32.73 -36.52 17.66
N GLU B 88 -31.83 -36.49 18.63
CA GLU B 88 -31.50 -35.23 19.27
C GLU B 88 -30.76 -34.34 18.28
N GLY B 89 -30.83 -33.03 18.53
CA GLY B 89 -30.21 -32.07 17.64
C GLY B 89 -29.32 -31.11 18.40
N ALA B 90 -28.36 -30.55 17.67
CA ALA B 90 -27.44 -29.55 18.20
C ALA B 90 -27.86 -28.21 17.62
N LEU B 91 -28.59 -27.44 18.41
CA LEU B 91 -29.08 -26.12 17.99
C LEU B 91 -28.14 -25.05 18.53
N ARG B 92 -27.68 -24.18 17.64
CA ARG B 92 -26.72 -23.14 18.00
C ARG B 92 -27.22 -21.79 17.52
N LEU B 93 -27.04 -20.76 18.35
CA LEU B 93 -27.37 -19.38 18.01
C LEU B 93 -26.09 -18.61 17.75
N ILE B 94 -25.91 -18.14 16.52
CA ILE B 94 -24.71 -17.41 16.12
C ILE B 94 -25.05 -15.92 16.06
N TYR B 95 -24.34 -15.11 16.83
CA TYR B 95 -24.60 -13.67 16.94
C TYR B 95 -23.25 -12.96 16.80
N SER B 96 -22.99 -12.41 15.63
CA SER B 96 -21.72 -11.77 15.32
C SER B 96 -21.90 -10.27 15.15
N ARG B 97 -20.77 -9.55 15.21
CA ARG B 97 -20.80 -8.10 15.06
C ARG B 97 -21.17 -7.66 13.65
N GLY B 98 -21.15 -8.56 12.68
CA GLY B 98 -21.50 -8.21 11.32
C GLY B 98 -20.29 -8.01 10.44
N ARG B 99 -20.55 -7.43 9.27
CA ARG B 99 -19.51 -7.19 8.29
C ARG B 99 -18.62 -6.03 8.75
N GLU B 100 -17.37 -6.04 8.31
CA GLU B 100 -16.46 -4.94 8.62
C GLU B 100 -16.92 -3.66 7.93
N GLY B 101 -17.05 -2.59 8.71
CA GLY B 101 -17.56 -1.33 8.20
C GLY B 101 -19.07 -1.21 8.17
N GLY B 102 -19.79 -2.32 8.25
CA GLY B 102 -21.23 -2.29 8.30
C GLY B 102 -21.75 -2.06 9.71
N SER B 103 -23.06 -1.95 9.82
CA SER B 103 -23.72 -1.67 11.09
C SER B 103 -24.58 -2.82 11.60
N ALA B 104 -25.31 -3.49 10.72
CA ALA B 104 -26.19 -4.56 11.16
C ALA B 104 -25.37 -5.77 11.62
N PRO B 105 -25.61 -6.28 12.82
CA PRO B 105 -24.92 -7.49 13.26
C PRO B 105 -25.48 -8.74 12.60
N THR B 106 -24.63 -9.76 12.50
CA THR B 106 -25.02 -11.04 11.93
C THR B 106 -25.63 -11.92 13.00
N ALA B 107 -26.78 -12.51 12.69
CA ALA B 107 -27.52 -13.31 13.67
C ALA B 107 -28.30 -14.39 12.94
N TYR B 108 -28.10 -15.65 13.33
CA TYR B 108 -28.87 -16.74 12.75
C TYR B 108 -28.88 -17.92 13.72
N VAL B 109 -29.74 -18.89 13.42
CA VAL B 109 -29.94 -20.09 14.21
C VAL B 109 -29.62 -21.29 13.35
N MET B 110 -28.89 -22.26 13.91
CA MET B 110 -28.41 -23.41 13.16
C MET B 110 -28.62 -24.69 13.96
N VAL B 111 -29.19 -25.71 13.32
CA VAL B 111 -29.35 -27.03 13.91
C VAL B 111 -28.50 -28.02 13.13
N SER B 112 -27.81 -28.90 13.85
CA SER B 112 -26.90 -29.87 13.26
C SER B 112 -27.03 -31.17 14.03
N PRO B 113 -26.56 -32.28 13.45
CA PRO B 113 -26.61 -33.55 14.19
C PRO B 113 -25.69 -33.56 15.39
N VAL B 114 -26.12 -34.26 16.43
CA VAL B 114 -25.31 -34.44 17.64
C VAL B 114 -24.17 -35.41 17.35
N PRO B 115 -22.92 -35.06 17.63
CA PRO B 115 -21.81 -35.95 17.29
C PRO B 115 -21.86 -37.26 18.06
N ALA B 116 -21.24 -38.29 17.48
CA ALA B 116 -21.21 -39.62 18.10
C ALA B 116 -20.42 -39.64 19.40
N ARG B 117 -19.50 -38.70 19.59
CA ARG B 117 -18.75 -38.60 20.83
C ARG B 117 -19.66 -38.32 22.03
N VAL B 118 -20.85 -37.80 21.80
CA VAL B 118 -21.74 -37.45 22.91
C VAL B 118 -22.32 -38.70 23.54
N ILE B 119 -22.75 -39.67 22.72
CA ILE B 119 -23.36 -40.87 23.26
C ILE B 119 -22.33 -41.69 24.05
N GLY B 120 -21.07 -41.67 23.62
CA GLY B 120 -20.04 -42.36 24.38
C GLY B 120 -19.71 -41.67 25.69
N ALA B 121 -19.66 -40.34 25.67
CA ALA B 121 -19.35 -39.60 26.89
C ALA B 121 -20.44 -39.75 27.93
N ARG B 122 -21.70 -39.76 27.51
CA ARG B 122 -22.81 -39.98 28.45
C ARG B 122 -22.78 -41.39 29.01
N ARG B 123 -22.62 -42.39 28.12
CA ARG B 123 -22.70 -43.78 28.54
C ARG B 123 -21.42 -44.23 29.23
N ASP B 124 -20.26 -43.93 28.65
CA ASP B 124 -19.00 -44.49 29.13
C ASP B 124 -18.22 -43.54 30.02
N GLY B 125 -18.38 -42.23 29.84
CA GLY B 125 -17.56 -41.28 30.56
C GLY B 125 -16.33 -40.90 29.75
N VAL B 126 -15.42 -40.18 30.40
CA VAL B 126 -14.24 -39.65 29.74
C VAL B 126 -13.05 -39.78 30.65
N SER B 127 -11.87 -39.83 30.04
CA SER B 127 -10.60 -39.71 30.74
C SER B 127 -10.11 -38.30 30.55
N ALA B 128 -9.83 -37.61 31.65
CA ALA B 128 -9.45 -36.21 31.61
C ALA B 128 -8.07 -36.03 32.25
N ILE B 129 -7.43 -34.92 31.89
CA ILE B 129 -6.16 -34.52 32.48
C ILE B 129 -6.29 -33.10 32.96
N THR B 130 -5.64 -32.79 34.08
CA THR B 130 -5.57 -31.41 34.56
C THR B 130 -4.49 -30.66 33.80
N LEU B 131 -4.79 -29.43 33.42
CA LEU B 131 -3.87 -28.62 32.64
C LEU B 131 -3.87 -27.20 33.14
N ASP B 132 -2.68 -26.60 33.20
CA ASP B 132 -2.58 -25.20 33.62
C ASP B 132 -3.26 -24.30 32.61
N ARG B 133 -4.20 -23.49 33.09
CA ARG B 133 -4.88 -22.54 32.23
C ARG B 133 -4.08 -21.26 32.03
N GLY B 134 -3.27 -20.89 33.02
CA GLY B 134 -2.52 -19.66 32.97
C GLY B 134 -3.22 -18.47 33.59
N LEU B 135 -4.50 -18.62 33.94
CA LEU B 135 -5.24 -17.54 34.55
C LEU B 135 -5.33 -17.75 36.06
N PRO B 136 -5.19 -16.69 36.83
CA PRO B 136 -5.48 -16.77 38.26
C PRO B 136 -6.98 -16.61 38.52
N ALA B 137 -7.38 -17.03 39.72
CA ALA B 137 -8.79 -17.03 40.08
C ALA B 137 -9.40 -15.64 40.10
N ASP B 138 -8.60 -14.60 40.26
CA ASP B 138 -9.10 -13.23 40.26
C ASP B 138 -9.42 -12.69 38.87
N GLY B 139 -9.16 -13.46 37.81
CA GLY B 139 -9.20 -12.91 36.47
C GLY B 139 -10.56 -12.50 35.96
N GLY B 140 -11.63 -13.11 36.46
CA GLY B 140 -12.94 -12.82 35.90
C GLY B 140 -13.45 -11.43 36.21
N ASP B 141 -13.36 -11.01 37.47
CA ASP B 141 -13.87 -9.72 37.88
C ASP B 141 -12.80 -8.63 37.95
N ALA B 142 -11.58 -8.97 38.37
CA ALA B 142 -10.53 -7.95 38.46
C ALA B 142 -10.02 -7.53 37.09
N MET B 143 -10.17 -8.37 36.09
CA MET B 143 -9.71 -8.10 34.72
C MET B 143 -10.89 -8.32 33.79
N PRO B 144 -11.83 -7.38 33.74
CA PRO B 144 -13.00 -7.55 32.87
C PRO B 144 -12.69 -7.45 31.40
N TRP B 145 -11.57 -6.83 31.02
CA TRP B 145 -11.23 -6.71 29.61
C TRP B 145 -10.96 -8.05 28.96
N LEU B 146 -10.66 -9.08 29.75
CA LEU B 146 -10.47 -10.42 29.21
C LEU B 146 -11.79 -11.15 28.96
N ILE B 147 -12.92 -10.56 29.37
CA ILE B 147 -14.28 -11.07 29.12
C ILE B 147 -14.36 -12.58 29.25
N ALA B 148 -13.74 -13.14 30.29
CA ALA B 148 -13.69 -14.59 30.45
C ALA B 148 -15.06 -15.20 30.71
N SER B 149 -16.05 -14.41 31.10
CA SER B 149 -17.39 -14.92 31.33
C SER B 149 -18.27 -14.85 30.09
N ALA B 150 -17.74 -14.36 28.97
CA ALA B 150 -18.51 -14.24 27.73
C ALA B 150 -18.26 -15.47 26.86
N LYS B 151 -19.34 -16.07 26.38
CA LYS B 151 -19.26 -17.21 25.46
C LYS B 151 -19.16 -16.67 24.05
N THR B 152 -17.93 -16.46 23.59
CA THR B 152 -17.67 -15.87 22.30
C THR B 152 -17.41 -16.94 21.25
N LEU B 153 -17.39 -16.52 19.99
CA LEU B 153 -17.08 -17.40 18.87
C LEU B 153 -15.59 -17.66 18.71
N SER B 154 -14.75 -17.12 19.59
CA SER B 154 -13.30 -17.26 19.48
C SER B 154 -12.86 -18.46 20.32
N TYR B 155 -13.10 -19.66 19.78
CA TYR B 155 -12.87 -20.90 20.51
C TYR B 155 -11.67 -21.68 19.97
N ALA B 156 -10.72 -21.01 19.32
CA ALA B 156 -9.59 -21.73 18.74
C ALA B 156 -8.73 -22.36 19.83
N VAL B 157 -8.50 -21.64 20.93
CA VAL B 157 -7.66 -22.18 22.01
C VAL B 157 -8.36 -23.34 22.71
N ASN B 158 -9.67 -23.22 22.93
CA ASN B 158 -10.41 -24.30 23.56
C ASN B 158 -10.29 -25.60 22.77
N MET B 159 -10.37 -25.52 21.45
CA MET B 159 -10.28 -26.72 20.62
C MET B 159 -8.86 -27.27 20.59
N ALA B 160 -7.86 -26.38 20.59
CA ALA B 160 -6.47 -26.82 20.59
C ALA B 160 -6.12 -27.53 21.89
N VAL B 161 -6.67 -27.06 23.01
CA VAL B 161 -6.43 -27.72 24.30
C VAL B 161 -6.98 -29.13 24.28
N LEU B 162 -8.16 -29.31 23.66
CA LEU B 162 -8.74 -30.65 23.56
C LEU B 162 -7.91 -31.55 22.66
N ARG B 163 -7.38 -31.00 21.56
CA ARG B 163 -6.52 -31.79 20.69
C ARG B 163 -5.21 -32.14 21.38
N HIS B 164 -4.69 -31.25 22.22
CA HIS B 164 -3.49 -31.55 22.97
C HIS B 164 -3.69 -32.74 23.90
N ALA B 165 -4.84 -32.79 24.57
CA ALA B 165 -5.12 -33.92 25.46
C ALA B 165 -5.44 -35.18 24.68
N ALA B 166 -5.98 -35.05 23.48
CA ALA B 166 -6.26 -36.24 22.67
C ALA B 166 -4.99 -36.96 22.27
N ARG B 167 -3.93 -36.22 21.96
CA ARG B 167 -2.66 -36.84 21.62
C ARG B 167 -2.05 -37.60 22.78
N GLN B 168 -2.55 -37.40 24.00
CA GLN B 168 -2.07 -38.11 25.18
C GLN B 168 -3.12 -39.08 25.72
N GLY B 169 -4.11 -39.44 24.91
CA GLY B 169 -5.12 -40.40 25.33
C GLY B 169 -6.20 -39.86 26.24
N ALA B 170 -6.30 -38.55 26.39
CA ALA B 170 -7.31 -37.95 27.26
C ALA B 170 -8.48 -37.44 26.44
N GLY B 171 -9.69 -37.68 26.94
CA GLY B 171 -10.88 -37.31 26.22
C GLY B 171 -11.36 -35.90 26.48
N ASP B 172 -10.86 -35.27 27.55
CA ASP B 172 -11.24 -33.91 27.88
C ASP B 172 -10.17 -33.33 28.81
N VAL B 173 -10.42 -32.11 29.29
CA VAL B 173 -9.46 -31.36 30.08
C VAL B 173 -10.19 -30.68 31.22
N ILE B 174 -9.53 -30.61 32.38
CA ILE B 174 -9.98 -29.79 33.50
C ILE B 174 -8.94 -28.70 33.69
N PHE B 175 -9.33 -27.45 33.45
CA PHE B 175 -8.42 -26.33 33.60
C PHE B 175 -8.17 -26.03 35.06
N VAL B 176 -6.90 -25.86 35.43
CA VAL B 176 -6.52 -25.48 36.79
C VAL B 176 -5.80 -24.14 36.69
N SER B 177 -6.13 -23.24 37.61
CA SER B 177 -5.53 -21.91 37.64
C SER B 177 -4.11 -21.96 38.17
N THR B 178 -3.37 -20.88 37.93
CA THR B 178 -2.02 -20.76 38.47
C THR B 178 -2.02 -20.79 40.00
N ASP B 179 -3.12 -20.33 40.59
CA ASP B 179 -3.29 -20.37 42.04
C ASP B 179 -3.48 -21.80 42.54
N GLY B 180 -3.84 -22.72 41.65
CA GLY B 180 -4.05 -24.11 42.02
C GLY B 180 -5.51 -24.45 42.25
N TYR B 181 -6.43 -23.57 41.86
CA TYR B 181 -7.85 -23.78 42.03
C TYR B 181 -8.48 -24.27 40.73
N VAL B 182 -9.48 -25.13 40.86
CA VAL B 182 -10.17 -25.68 39.69
C VAL B 182 -11.02 -24.59 39.04
N LEU B 183 -10.92 -24.48 37.72
CA LEU B 183 -11.68 -23.48 36.98
C LEU B 183 -12.88 -24.10 36.27
N GLU B 184 -12.66 -24.66 35.09
CA GLU B 184 -13.72 -25.26 34.30
C GLU B 184 -13.08 -26.14 33.23
N GLY B 185 -13.92 -26.68 32.35
CA GLY B 185 -13.43 -27.38 31.18
C GLY B 185 -13.44 -26.46 29.98
N PRO B 186 -12.71 -26.84 28.92
CA PRO B 186 -12.75 -26.05 27.68
C PRO B 186 -14.11 -26.03 27.01
N ARG B 187 -15.02 -26.93 27.40
CA ARG B 187 -16.36 -26.94 26.81
C ARG B 187 -17.40 -27.44 27.81
N SER B 188 -17.13 -27.37 29.12
CA SER B 188 -18.04 -27.94 30.10
C SER B 188 -17.79 -27.31 31.46
N THR B 189 -18.70 -27.59 32.39
CA THR B 189 -18.65 -27.11 33.76
C THR B 189 -18.27 -28.26 34.68
N VAL B 190 -17.37 -28.00 35.62
CA VAL B 190 -16.89 -29.01 36.55
C VAL B 190 -17.81 -29.07 37.75
N VAL B 191 -18.42 -30.23 37.98
CA VAL B 191 -19.25 -30.49 39.16
C VAL B 191 -18.72 -31.74 39.83
N ILE B 192 -18.54 -31.68 41.14
CA ILE B 192 -18.06 -32.83 41.91
C ILE B 192 -19.12 -33.21 42.93
N ALA B 193 -18.93 -34.36 43.55
CA ALA B 193 -19.89 -34.96 44.46
C ALA B 193 -19.17 -35.31 45.76
N THR B 194 -19.53 -34.62 46.83
CA THR B 194 -18.94 -34.87 48.15
C THR B 194 -20.05 -35.18 49.13
N ASP B 195 -19.68 -35.86 50.21
CA ASP B 195 -20.63 -36.23 51.26
C ASP B 195 -20.75 -35.15 52.33
N PRO B 203 -24.72 -35.97 51.10
CA PRO B 203 -24.19 -35.79 49.75
C PRO B 203 -24.36 -34.38 49.22
N CYS B 204 -23.26 -33.76 48.83
CA CYS B 204 -23.23 -32.37 48.41
C CYS B 204 -22.48 -32.25 47.09
N LEU B 205 -23.04 -31.45 46.19
CA LEU B 205 -22.48 -31.22 44.86
C LEU B 205 -21.85 -29.83 44.85
N LEU B 206 -20.64 -29.73 44.32
CA LEU B 206 -19.89 -28.48 44.34
C LEU B 206 -19.46 -28.10 42.94
N THR B 207 -19.23 -26.80 42.77
CA THR B 207 -18.80 -26.22 41.51
C THR B 207 -18.01 -24.95 41.81
N PRO B 208 -17.07 -24.58 40.95
CA PRO B 208 -16.28 -23.39 41.22
C PRO B 208 -17.16 -22.15 41.27
N PRO B 209 -16.77 -21.13 42.02
CA PRO B 209 -17.62 -19.96 42.19
C PRO B 209 -17.63 -19.09 40.95
N PRO B 210 -18.69 -18.30 40.75
CA PRO B 210 -18.84 -17.59 39.47
C PRO B 210 -17.88 -16.44 39.28
N TRP B 211 -17.29 -15.89 40.34
CA TRP B 211 -16.35 -14.80 40.14
C TRP B 211 -15.01 -15.28 39.59
N TYR B 212 -14.82 -16.59 39.44
CA TYR B 212 -13.67 -17.09 38.72
C TYR B 212 -13.75 -16.73 37.25
N PRO B 213 -12.61 -16.65 36.55
CA PRO B 213 -12.65 -16.36 35.11
C PRO B 213 -13.19 -17.51 34.28
N ILE B 214 -14.46 -17.87 34.48
CA ILE B 214 -15.06 -19.03 33.83
C ILE B 214 -16.45 -18.65 33.34
N LEU B 215 -17.02 -19.53 32.51
CA LEU B 215 -18.39 -19.37 32.06
C LEU B 215 -19.36 -19.93 33.09
N ARG B 216 -20.54 -19.30 33.17
CA ARG B 216 -21.62 -19.81 34.00
C ARG B 216 -22.40 -20.87 33.25
N GLY B 217 -22.46 -22.08 33.79
CA GLY B 217 -23.10 -23.17 33.11
C GLY B 217 -24.61 -23.17 33.24
N THR B 218 -25.31 -23.08 32.11
CA THR B 218 -26.78 -23.16 32.15
C THR B 218 -27.22 -24.50 32.72
N THR B 219 -26.53 -25.58 32.36
CA THR B 219 -26.88 -26.90 32.89
C THR B 219 -26.56 -27.01 34.37
N GLN B 220 -25.44 -26.42 34.81
CA GLN B 220 -25.07 -26.50 36.21
C GLN B 220 -26.09 -25.80 37.10
N GLN B 221 -26.54 -24.62 36.70
CA GLN B 221 -27.50 -23.89 37.53
C GLN B 221 -28.84 -24.62 37.59
N ALA B 222 -29.32 -25.11 36.44
CA ALA B 222 -30.55 -25.89 36.45
C ALA B 222 -30.38 -27.18 37.24
N LEU B 223 -29.17 -27.76 37.24
CA LEU B 223 -28.90 -28.92 38.07
C LEU B 223 -29.01 -28.57 39.55
N PHE B 224 -28.48 -27.41 39.93
CA PHE B 224 -28.59 -26.98 41.32
C PHE B 224 -30.04 -26.79 41.73
N GLU B 225 -30.90 -26.36 40.81
CA GLU B 225 -32.30 -26.16 41.15
C GLU B 225 -33.00 -27.48 41.44
N VAL B 226 -32.82 -28.46 40.56
CA VAL B 226 -33.53 -29.74 40.74
C VAL B 226 -32.94 -30.50 41.93
N ALA B 227 -31.62 -30.41 42.11
CA ALA B 227 -30.99 -31.15 43.21
C ALA B 227 -31.36 -30.56 44.56
N ARG B 228 -31.42 -29.22 44.65
CA ARG B 228 -31.80 -28.57 45.89
C ARG B 228 -33.24 -28.90 46.26
N ALA B 229 -34.13 -28.98 45.27
CA ALA B 229 -35.52 -29.32 45.53
C ALA B 229 -35.72 -30.77 45.92
N LYS B 230 -34.70 -31.62 45.74
CA LYS B 230 -34.79 -33.03 46.11
C LYS B 230 -34.01 -33.36 47.37
N GLY B 231 -33.39 -32.37 48.00
CA GLY B 231 -32.66 -32.59 49.24
C GLY B 231 -31.15 -32.47 49.15
N TYR B 232 -30.60 -32.29 47.95
CA TYR B 232 -29.15 -32.16 47.81
C TYR B 232 -28.71 -30.75 48.18
N ASP B 233 -27.61 -30.66 48.92
CA ASP B 233 -27.01 -29.39 49.25
C ASP B 233 -25.96 -29.05 48.20
N CYS B 234 -26.05 -27.83 47.66
CA CYS B 234 -25.13 -27.36 46.63
C CYS B 234 -24.56 -26.02 47.04
N ASP B 235 -23.32 -25.77 46.63
CA ASP B 235 -22.63 -24.55 47.03
C ASP B 235 -21.49 -24.28 46.06
N TYR B 236 -21.00 -23.04 46.09
CA TYR B 236 -19.90 -22.60 45.25
C TYR B 236 -18.67 -22.46 46.13
N ARG B 237 -17.66 -23.29 45.87
CA ARG B 237 -16.48 -23.36 46.73
C ARG B 237 -15.22 -23.28 45.88
N ALA B 238 -14.12 -22.94 46.55
CA ALA B 238 -12.81 -22.96 45.90
C ALA B 238 -12.31 -24.39 45.89
N LEU B 239 -12.41 -25.07 44.74
CA LEU B 239 -11.99 -26.45 44.63
C LEU B 239 -10.54 -26.50 44.17
N ARG B 240 -9.80 -27.46 44.72
CA ARG B 240 -8.42 -27.72 44.36
C ARG B 240 -8.32 -29.07 43.68
N VAL B 241 -7.12 -29.35 43.15
CA VAL B 241 -6.91 -30.63 42.49
C VAL B 241 -7.06 -31.78 43.48
N ALA B 242 -6.65 -31.56 44.73
CA ALA B 242 -6.82 -32.58 45.77
C ALA B 242 -8.30 -32.88 46.00
N ASP B 243 -9.15 -31.85 46.01
CA ASP B 243 -10.58 -32.06 46.17
C ASP B 243 -11.19 -32.82 45.01
N LEU B 244 -10.54 -32.80 43.84
CA LEU B 244 -11.05 -33.57 42.70
C LEU B 244 -10.91 -35.07 42.94
N PHE B 245 -9.80 -35.49 43.53
CA PHE B 245 -9.54 -36.92 43.71
C PHE B 245 -10.32 -37.53 44.87
N ASP B 246 -10.72 -36.73 45.85
CA ASP B 246 -11.46 -37.24 47.00
C ASP B 246 -12.98 -37.20 46.83
N SER B 247 -13.47 -36.77 45.67
CA SER B 247 -14.91 -36.65 45.47
C SER B 247 -15.53 -38.02 45.20
N GLN B 248 -16.84 -38.09 45.34
CA GLN B 248 -17.56 -39.27 44.95
C GLN B 248 -17.69 -39.39 43.43
N GLY B 249 -17.56 -38.28 42.72
CA GLY B 249 -17.61 -38.27 41.27
C GLY B 249 -17.26 -36.91 40.70
N ILE B 250 -16.73 -36.89 39.48
CA ILE B 250 -16.48 -35.66 38.75
C ILE B 250 -17.21 -35.77 37.43
N TRP B 251 -17.88 -34.68 37.04
CA TRP B 251 -18.60 -34.64 35.77
C TRP B 251 -18.26 -33.36 35.03
N LEU B 252 -18.17 -33.47 33.72
CA LEU B 252 -18.01 -32.32 32.83
C LEU B 252 -19.39 -32.05 32.24
N VAL B 253 -20.06 -31.03 32.79
CA VAL B 253 -21.46 -30.74 32.47
C VAL B 253 -21.53 -29.66 31.41
N SER B 254 -22.42 -29.85 30.44
CA SER B 254 -22.62 -28.90 29.36
C SER B 254 -24.01 -29.15 28.76
N SER B 255 -24.38 -28.29 27.80
CA SER B 255 -25.75 -28.32 27.29
C SER B 255 -26.00 -29.50 26.36
N MET B 256 -25.01 -29.87 25.54
CA MET B 256 -25.21 -30.94 24.57
C MET B 256 -24.72 -32.29 25.10
N THR B 257 -23.53 -32.33 25.69
CA THR B 257 -23.00 -33.58 26.25
C THR B 257 -23.67 -33.97 27.56
N LEU B 258 -24.37 -33.02 28.20
CA LEU B 258 -25.05 -33.23 29.47
C LEU B 258 -24.06 -33.54 30.59
N ALA B 259 -23.74 -34.82 30.82
CA ALA B 259 -22.89 -35.19 31.94
C ALA B 259 -21.96 -36.32 31.52
N ALA B 260 -20.66 -36.06 31.56
CA ALA B 260 -19.62 -37.03 31.27
C ALA B 260 -18.78 -37.20 32.54
N ARG B 261 -18.95 -38.32 33.22
CA ARG B 261 -18.19 -38.56 34.44
C ARG B 261 -16.72 -38.78 34.12
N VAL B 262 -15.85 -38.22 34.95
CA VAL B 262 -14.40 -38.40 34.79
C VAL B 262 -14.03 -39.65 35.57
N HIS B 263 -13.82 -40.76 34.86
CA HIS B 263 -13.41 -42.01 35.50
C HIS B 263 -11.90 -42.13 35.65
N THR B 264 -11.14 -41.32 34.91
CA THR B 264 -9.67 -41.33 34.98
C THR B 264 -9.19 -39.90 34.90
N LEU B 265 -8.46 -39.46 35.91
CA LEU B 265 -7.94 -38.09 35.98
C LEU B 265 -6.42 -38.15 36.05
N ASP B 266 -5.75 -37.59 35.04
CA ASP B 266 -4.29 -37.57 34.96
C ASP B 266 -3.70 -38.97 35.05
N GLY B 267 -4.32 -39.92 34.35
CA GLY B 267 -3.85 -41.29 34.33
C GLY B 267 -4.24 -42.12 35.53
N ARG B 268 -4.69 -41.49 36.62
CA ARG B 268 -5.08 -42.19 37.83
C ARG B 268 -6.58 -42.45 37.81
N ARG B 269 -6.97 -43.72 37.88
CA ARG B 269 -8.40 -44.03 37.85
C ARG B 269 -9.06 -43.69 39.18
N LEU B 270 -10.26 -43.15 39.10
CA LEU B 270 -11.12 -42.67 40.17
C LEU B 270 -12.25 -43.67 40.42
N PRO B 271 -12.55 -43.99 41.68
CA PRO B 271 -13.58 -44.99 41.96
C PRO B 271 -14.97 -44.49 41.59
N ARG B 272 -15.86 -45.46 41.33
CA ARG B 272 -17.23 -45.20 40.95
C ARG B 272 -18.16 -45.32 42.15
N THR B 273 -19.10 -44.37 42.26
CA THR B 273 -20.00 -44.29 43.39
C THR B 273 -21.46 -44.47 42.95
N PRO B 274 -22.32 -45.05 43.82
CA PRO B 274 -23.76 -45.09 43.53
C PRO B 274 -24.39 -43.75 43.18
N ILE B 275 -23.76 -42.63 43.55
CA ILE B 275 -24.30 -41.34 43.18
C ILE B 275 -24.16 -41.10 41.67
N ALA B 276 -23.33 -41.90 41.00
CA ALA B 276 -23.08 -41.67 39.57
C ALA B 276 -24.27 -42.08 38.72
N GLU B 277 -25.04 -43.09 39.14
CA GLU B 277 -26.20 -43.47 38.34
C GLU B 277 -27.33 -42.45 38.50
N VAL B 278 -27.46 -41.85 39.68
CA VAL B 278 -28.51 -40.86 39.88
C VAL B 278 -28.10 -39.52 39.27
N PHE B 279 -26.80 -39.26 39.16
CA PHE B 279 -26.34 -37.96 38.68
C PHE B 279 -26.81 -37.70 37.25
N ALA B 280 -26.71 -38.72 36.39
CA ALA B 280 -27.17 -38.55 35.01
C ALA B 280 -28.67 -38.27 34.98
N GLU B 281 -29.43 -38.94 35.84
CA GLU B 281 -30.85 -38.66 35.95
C GLU B 281 -31.10 -37.25 36.47
N LEU B 282 -30.24 -36.77 37.38
CA LEU B 282 -30.37 -35.40 37.88
C LEU B 282 -30.15 -34.38 36.77
N VAL B 283 -29.21 -34.66 35.86
CA VAL B 283 -28.99 -33.77 34.74
C VAL B 283 -30.13 -33.92 33.73
N ASP B 284 -30.71 -35.11 33.65
CA ASP B 284 -31.85 -35.32 32.74
C ASP B 284 -33.03 -34.47 33.15
N ALA B 285 -33.35 -34.43 34.44
CA ALA B 285 -34.43 -33.58 34.92
C ALA B 285 -34.07 -32.09 34.86
N ALA B 286 -32.78 -31.76 34.85
CA ALA B 286 -32.37 -30.36 34.82
C ALA B 286 -32.74 -29.71 33.49
N ILE B 287 -32.42 -30.38 32.38
CA ILE B 287 -32.68 -29.82 31.05
C ILE B 287 -34.15 -29.76 30.70
N VAL B 288 -35.00 -30.41 31.50
CA VAL B 288 -36.44 -30.36 31.35
C VAL B 288 -37.10 -29.64 32.52
N SER B 289 -36.31 -29.10 33.45
CA SER B 289 -36.86 -28.37 34.57
C SER B 289 -37.62 -27.13 34.12
N ASP B 290 -37.28 -26.59 32.94
CA ASP B 290 -38.07 -25.51 32.37
C ASP B 290 -39.47 -25.98 32.01
N ARG B 291 -39.63 -27.24 31.63
CA ARG B 291 -40.94 -27.79 31.32
C ARG B 291 -41.60 -28.35 32.58
N ALA C 2 -5.51 35.50 -16.69
CA ALA C 2 -4.76 34.55 -15.88
C ALA C 2 -4.52 35.10 -14.47
N MET C 3 -4.64 34.24 -13.47
CA MET C 3 -4.46 34.59 -12.07
C MET C 3 -3.45 33.64 -11.43
N VAL C 4 -2.55 34.19 -10.62
CA VAL C 4 -1.49 33.42 -9.98
C VAL C 4 -1.54 33.67 -8.49
N VAL C 5 -1.47 32.58 -7.70
CA VAL C 5 -1.45 32.64 -6.24
C VAL C 5 -0.35 31.71 -5.76
N THR C 6 0.72 32.26 -5.21
CA THR C 6 1.78 31.40 -4.71
C THR C 6 1.41 30.85 -3.34
N LEU C 7 2.09 29.77 -2.96
CA LEU C 7 1.83 29.18 -1.65
C LEU C 7 2.27 30.10 -0.53
N ASP C 8 3.17 31.04 -0.82
CA ASP C 8 3.54 32.05 0.16
C ASP C 8 2.39 32.99 0.48
N GLY C 9 1.40 33.08 -0.40
CA GLY C 9 0.22 33.86 -0.12
C GLY C 9 0.10 35.20 -0.82
N GLU C 10 0.97 35.50 -1.76
CA GLU C 10 0.91 36.80 -2.43
C GLU C 10 0.23 36.66 -3.79
N ILE C 11 -0.67 37.61 -4.07
CA ILE C 11 -1.46 37.64 -5.29
C ILE C 11 -1.04 38.85 -6.12
N LEU C 12 0.06 38.72 -6.87
CA LEU C 12 0.64 39.87 -7.56
C LEU C 12 -0.09 40.14 -8.86
N GLN C 13 -0.10 41.40 -9.25
CA GLN C 13 -0.77 41.84 -10.47
C GLN C 13 -0.13 41.18 -11.69
N PRO C 14 -0.92 40.64 -12.62
CA PRO C 14 -0.34 39.95 -13.78
C PRO C 14 0.48 40.88 -14.66
N GLY C 15 1.42 40.28 -15.39
CA GLY C 15 2.38 41.02 -16.19
C GLY C 15 3.69 41.32 -15.49
N MET C 16 3.93 40.73 -14.32
CA MET C 16 5.16 40.86 -13.58
C MET C 16 5.81 39.48 -13.45
N PRO C 17 7.12 39.37 -13.63
CA PRO C 17 7.74 38.04 -13.55
C PRO C 17 7.70 37.49 -12.14
N LEU C 18 7.54 36.18 -12.04
CA LEU C 18 7.50 35.46 -10.78
C LEU C 18 8.72 34.59 -10.54
N LEU C 19 9.21 33.93 -11.58
CA LEU C 19 10.27 32.94 -11.47
C LEU C 19 11.61 33.53 -11.87
N HIS C 20 12.67 33.10 -11.19
CA HIS C 20 14.00 33.51 -11.56
C HIS C 20 14.48 32.73 -12.78
N ALA C 21 15.55 33.22 -13.40
CA ALA C 21 16.04 32.61 -14.64
C ALA C 21 16.64 31.22 -14.43
N ASP C 22 16.97 30.85 -13.20
CA ASP C 22 17.62 29.58 -12.89
C ASP C 22 16.68 28.59 -12.22
N ASP C 23 15.37 28.84 -12.25
CA ASP C 23 14.42 27.91 -11.66
C ASP C 23 14.41 26.60 -12.45
N LEU C 24 14.48 25.48 -11.72
CA LEU C 24 14.60 24.18 -12.37
C LEU C 24 13.34 23.81 -13.15
N ALA C 25 12.22 24.48 -12.91
CA ALA C 25 11.06 24.27 -13.77
C ALA C 25 11.32 24.76 -15.18
N ALA C 26 12.08 25.84 -15.31
CA ALA C 26 12.34 26.45 -16.61
C ALA C 26 13.61 25.92 -17.26
N VAL C 27 14.66 25.70 -16.48
CA VAL C 27 15.93 25.29 -17.08
C VAL C 27 16.01 23.77 -17.29
N ARG C 28 15.27 22.98 -16.51
CA ARG C 28 15.35 21.53 -16.60
C ARG C 28 13.99 20.84 -16.61
N GLY C 29 12.89 21.60 -16.60
CA GLY C 29 11.56 21.03 -16.51
C GLY C 29 11.39 20.12 -15.30
N ASP C 30 12.13 20.43 -14.23
CA ASP C 30 12.27 19.54 -13.08
C ASP C 30 11.22 19.89 -12.04
N GLY C 31 10.06 19.27 -12.15
CA GLY C 31 8.98 19.51 -11.22
C GLY C 31 7.78 18.69 -11.61
N VAL C 32 6.74 18.80 -10.78
CA VAL C 32 5.47 18.12 -11.02
C VAL C 32 4.36 19.16 -11.02
N PHE C 33 3.22 18.80 -11.60
CA PHE C 33 2.10 19.72 -11.66
C PHE C 33 0.79 18.95 -11.69
N GLU C 34 -0.30 19.71 -11.54
CA GLU C 34 -1.65 19.19 -11.61
C GLU C 34 -2.51 20.22 -12.32
N THR C 35 -3.58 19.74 -12.97
CA THR C 35 -4.52 20.63 -13.64
C THR C 35 -5.92 20.31 -13.16
N LEU C 36 -6.64 21.34 -12.70
CA LEU C 36 -7.97 21.18 -12.16
C LEU C 36 -8.94 22.08 -12.90
N LEU C 37 -10.19 21.66 -12.94
CA LEU C 37 -11.25 22.41 -13.59
C LEU C 37 -12.09 23.10 -12.54
N VAL C 38 -12.28 24.40 -12.69
CA VAL C 38 -13.17 25.17 -11.83
C VAL C 38 -14.53 25.21 -12.50
N ARG C 39 -15.53 24.64 -11.83
CA ARG C 39 -16.88 24.59 -12.36
C ARG C 39 -17.87 24.81 -11.22
N ASP C 40 -18.80 25.73 -11.44
CA ASP C 40 -19.89 26.01 -10.49
C ASP C 40 -19.33 26.36 -9.11
N GLY C 41 -18.36 27.28 -9.10
CA GLY C 41 -17.91 27.89 -7.87
C GLY C 41 -16.82 27.14 -7.14
N ARG C 42 -16.34 26.02 -7.68
CA ARG C 42 -15.37 25.19 -6.98
C ARG C 42 -14.53 24.41 -7.97
N ALA C 43 -13.28 24.16 -7.59
CA ALA C 43 -12.44 23.25 -8.35
C ALA C 43 -12.90 21.82 -8.12
N CYS C 44 -12.81 21.00 -9.17
CA CYS C 44 -13.39 19.66 -9.16
C CYS C 44 -12.34 18.65 -8.72
N LEU C 45 -12.72 17.78 -7.79
CA LEU C 45 -11.89 16.66 -7.33
C LEU C 45 -10.53 17.15 -6.84
N VAL C 46 -10.57 18.04 -5.85
CA VAL C 46 -9.34 18.60 -5.30
C VAL C 46 -8.55 17.52 -4.56
N GLU C 47 -9.22 16.73 -3.73
CA GLU C 47 -8.52 15.73 -2.94
C GLU C 47 -7.83 14.71 -3.83
N ALA C 48 -8.52 14.24 -4.87
CA ALA C 48 -7.91 13.27 -5.78
C ALA C 48 -6.74 13.85 -6.54
N HIS C 49 -6.77 15.16 -6.84
CA HIS C 49 -5.65 15.78 -7.54
C HIS C 49 -4.46 16.04 -6.65
N LEU C 50 -4.68 16.36 -5.37
CA LEU C 50 -3.55 16.54 -4.47
C LEU C 50 -2.92 15.22 -4.05
N GLN C 51 -3.67 14.12 -4.09
CA GLN C 51 -3.05 12.82 -3.85
C GLN C 51 -2.10 12.45 -4.98
N ARG C 52 -2.50 12.67 -6.23
CA ARG C 52 -1.58 12.41 -7.34
C ARG C 52 -0.40 13.36 -7.29
N LEU C 53 -0.64 14.61 -6.88
CA LEU C 53 0.47 15.55 -6.70
C LEU C 53 1.43 15.04 -5.63
N THR C 54 0.88 14.47 -4.55
CA THR C 54 1.72 13.89 -3.51
C THR C 54 2.50 12.69 -4.03
N GLN C 55 1.85 11.88 -4.90
CA GLN C 55 2.52 10.70 -5.43
C GLN C 55 3.56 11.09 -6.47
N SER C 56 3.23 12.04 -7.35
CA SER C 56 4.19 12.48 -8.36
C SER C 56 5.40 13.13 -7.72
N ALA C 57 5.21 13.86 -6.63
CA ALA C 57 6.34 14.51 -5.95
C ALA C 57 7.26 13.49 -5.31
N ARG C 58 6.71 12.42 -4.72
CA ARG C 58 7.55 11.41 -4.10
C ARG C 58 8.32 10.63 -5.16
N LEU C 59 7.68 10.33 -6.29
CA LEU C 59 8.37 9.69 -7.39
C LEU C 59 9.48 10.58 -7.95
N MET C 60 9.41 11.89 -7.70
CA MET C 60 10.36 12.86 -8.19
C MET C 60 11.34 13.32 -7.13
N ASP C 61 11.38 12.65 -5.98
CA ASP C 61 12.27 13.01 -4.88
C ASP C 61 12.10 14.48 -4.49
N LEU C 62 10.85 14.92 -4.51
CA LEU C 62 10.47 16.27 -4.09
C LEU C 62 9.94 16.23 -2.67
N PRO C 63 10.10 17.31 -1.91
CA PRO C 63 9.52 17.35 -0.57
C PRO C 63 8.02 17.11 -0.63
N GLU C 64 7.52 16.40 0.36
CA GLU C 64 6.10 16.05 0.41
C GLU C 64 5.28 17.33 0.50
N PRO C 65 4.34 17.57 -0.42
CA PRO C 65 3.63 18.86 -0.42
C PRO C 65 2.80 19.05 0.84
N ASP C 66 2.83 20.28 1.36
CA ASP C 66 2.07 20.68 2.54
C ASP C 66 0.63 20.92 2.09
N LEU C 67 -0.22 19.92 2.32
CA LEU C 67 -1.59 19.98 1.78
C LEU C 67 -2.43 21.13 2.33
N PRO C 68 -2.39 21.48 3.63
CA PRO C 68 -3.15 22.66 4.07
C PRO C 68 -2.74 23.94 3.38
N ARG C 69 -1.45 24.08 3.08
CA ARG C 69 -0.98 25.24 2.32
C ARG C 69 -1.42 25.18 0.87
N TRP C 70 -1.40 23.99 0.27
CA TRP C 70 -1.86 23.84 -1.10
C TRP C 70 -3.36 24.09 -1.19
N ARG C 71 -4.12 23.62 -0.21
CA ARG C 71 -5.57 23.85 -0.25
C ARG C 71 -5.89 25.33 -0.13
N ARG C 72 -5.05 26.09 0.59
CA ARG C 72 -5.32 27.51 0.73
C ARG C 72 -5.05 28.25 -0.58
N ALA C 73 -3.94 27.95 -1.25
CA ALA C 73 -3.65 28.60 -2.52
C ALA C 73 -4.71 28.26 -3.56
N VAL C 74 -5.20 27.02 -3.54
CA VAL C 74 -6.23 26.61 -4.50
C VAL C 74 -7.53 27.34 -4.21
N GLU C 75 -7.92 27.39 -2.94
CA GLU C 75 -9.20 28.01 -2.60
C GLU C 75 -9.18 29.50 -2.83
N VAL C 76 -8.07 30.16 -2.50
CA VAL C 76 -7.94 31.61 -2.74
C VAL C 76 -7.96 31.89 -4.24
N ALA C 77 -7.20 31.13 -5.01
CA ALA C 77 -7.18 31.34 -6.46
C ALA C 77 -8.52 31.00 -7.08
N THR C 78 -9.22 29.98 -6.54
CA THR C 78 -10.53 29.63 -7.05
C THR C 78 -11.52 30.77 -6.85
N GLN C 79 -11.63 31.28 -5.62
CA GLN C 79 -12.58 32.35 -5.34
C GLN C 79 -12.23 33.64 -6.04
N ARG C 80 -10.97 33.85 -6.40
CA ARG C 80 -10.61 35.03 -7.18
C ARG C 80 -11.10 34.90 -8.62
N TRP C 81 -11.05 33.68 -9.17
CA TRP C 81 -11.59 33.47 -10.51
C TRP C 81 -13.11 33.52 -10.50
N VAL C 82 -13.73 32.88 -9.49
CA VAL C 82 -15.19 32.86 -9.41
C VAL C 82 -15.73 34.27 -9.22
N ALA C 83 -15.00 35.13 -8.50
CA ALA C 83 -15.44 36.50 -8.35
C ALA C 83 -15.38 37.27 -9.65
N SER C 84 -14.42 36.96 -10.52
CA SER C 84 -14.27 37.70 -11.77
C SER C 84 -15.26 37.26 -12.83
N THR C 85 -15.60 35.98 -12.88
CA THR C 85 -16.46 35.47 -13.94
C THR C 85 -17.10 34.17 -13.49
N ALA C 86 -18.22 33.84 -14.14
CA ALA C 86 -18.89 32.56 -13.95
C ALA C 86 -18.38 31.49 -14.90
N ASP C 87 -17.48 31.84 -15.81
CA ASP C 87 -16.92 30.86 -16.73
C ASP C 87 -16.05 29.84 -15.98
N GLU C 88 -15.85 28.70 -16.63
CA GLU C 88 -14.95 27.69 -16.10
C GLU C 88 -13.51 28.19 -16.14
N GLY C 89 -12.67 27.61 -15.28
CA GLY C 89 -11.29 28.03 -15.19
C GLY C 89 -10.35 26.85 -15.30
N ALA C 90 -9.14 27.15 -15.74
CA ALA C 90 -8.06 26.17 -15.86
C ALA C 90 -7.12 26.43 -14.70
N LEU C 91 -7.26 25.64 -13.63
CA LEU C 91 -6.46 25.80 -12.43
C LEU C 91 -5.30 24.82 -12.46
N ARG C 92 -4.08 25.32 -12.26
CA ARG C 92 -2.88 24.50 -12.33
C ARG C 92 -2.04 24.71 -11.09
N LEU C 93 -1.51 23.61 -10.56
CA LEU C 93 -0.61 23.62 -9.42
C LEU C 93 0.79 23.36 -9.92
N ILE C 94 1.69 24.33 -9.76
CA ILE C 94 3.06 24.22 -10.24
C ILE C 94 3.97 24.00 -9.03
N TYR C 95 4.69 22.87 -9.03
CA TYR C 95 5.55 22.46 -7.93
C TYR C 95 6.87 22.00 -8.53
N SER C 96 7.90 22.85 -8.46
CA SER C 96 9.20 22.56 -9.04
C SER C 96 10.25 22.40 -7.95
N ARG C 97 11.39 21.83 -8.35
CA ARG C 97 12.49 21.60 -7.40
C ARG C 97 13.10 22.89 -6.88
N GLY C 98 12.81 24.03 -7.50
CA GLY C 98 13.35 25.30 -7.05
C GLY C 98 14.51 25.77 -7.90
N ARG C 99 15.18 26.80 -7.38
CA ARG C 99 16.28 27.41 -8.11
C ARG C 99 17.51 26.50 -8.11
N GLU C 100 18.35 26.66 -9.13
CA GLU C 100 19.59 25.92 -9.21
C GLU C 100 20.52 26.32 -8.07
N GLY C 101 21.00 25.34 -7.31
CA GLY C 101 21.82 25.58 -6.15
C GLY C 101 21.06 25.91 -4.89
N GLY C 102 19.79 26.30 -4.99
CA GLY C 102 18.97 26.56 -3.82
C GLY C 102 18.30 25.30 -3.30
N SER C 103 17.59 25.47 -2.19
CA SER C 103 16.91 24.36 -1.53
C SER C 103 15.40 24.48 -1.53
N ALA C 104 14.86 25.67 -1.34
CA ALA C 104 13.41 25.83 -1.24
C ALA C 104 12.75 25.55 -2.58
N PRO C 105 11.74 24.69 -2.63
CA PRO C 105 11.05 24.42 -3.89
C PRO C 105 10.12 25.55 -4.29
N THR C 106 9.89 25.65 -5.59
CA THR C 106 8.97 26.64 -6.13
C THR C 106 7.56 26.04 -6.17
N ALA C 107 6.59 26.79 -5.66
CA ALA C 107 5.22 26.29 -5.56
C ALA C 107 4.25 27.46 -5.69
N TYR C 108 3.33 27.35 -6.65
CA TYR C 108 2.29 28.35 -6.82
C TYR C 108 1.10 27.72 -7.51
N VAL C 109 -0.01 28.45 -7.51
CA VAL C 109 -1.26 28.02 -8.11
C VAL C 109 -1.64 29.07 -9.16
N MET C 110 -2.12 28.60 -10.30
CA MET C 110 -2.41 29.48 -11.43
C MET C 110 -3.75 29.13 -12.04
N VAL C 111 -4.60 30.13 -12.25
CA VAL C 111 -5.88 29.98 -12.92
C VAL C 111 -5.86 30.74 -14.23
N SER C 112 -6.39 30.13 -15.27
CA SER C 112 -6.41 30.69 -16.61
C SER C 112 -7.75 30.36 -17.24
N PRO C 113 -8.12 31.06 -18.32
CA PRO C 113 -9.36 30.72 -19.02
C PRO C 113 -9.26 29.35 -19.68
N VAL C 114 -10.41 28.69 -19.77
CA VAL C 114 -10.45 27.42 -20.51
C VAL C 114 -10.31 27.70 -22.00
N PRO C 115 -9.36 27.07 -22.69
CA PRO C 115 -9.17 27.36 -24.11
C PRO C 115 -10.36 26.95 -24.96
N ALA C 116 -10.50 27.62 -26.10
CA ALA C 116 -11.62 27.34 -27.00
C ALA C 116 -11.52 25.94 -27.62
N ARG C 117 -10.32 25.37 -27.71
CA ARG C 117 -10.18 24.00 -28.20
C ARG C 117 -10.90 23.00 -27.30
N VAL C 118 -11.12 23.35 -26.03
CA VAL C 118 -11.77 22.44 -25.09
C VAL C 118 -13.27 22.37 -25.36
N ILE C 119 -13.90 23.53 -25.62
CA ILE C 119 -15.34 23.56 -25.85
C ILE C 119 -15.70 22.80 -27.12
N GLY C 120 -14.84 22.86 -28.13
CA GLY C 120 -15.07 22.08 -29.32
C GLY C 120 -14.84 20.60 -29.09
N ALA C 121 -13.82 20.27 -28.30
CA ALA C 121 -13.51 18.87 -28.02
C ALA C 121 -14.63 18.20 -27.22
N ARG C 122 -15.20 18.92 -26.26
CA ARG C 122 -16.33 18.37 -25.51
C ARG C 122 -17.55 18.18 -26.40
N ARG C 123 -17.87 19.20 -27.19
CA ARG C 123 -19.10 19.18 -27.97
C ARG C 123 -18.99 18.27 -29.19
N ASP C 124 -17.92 18.40 -29.95
CA ASP C 124 -17.80 17.73 -31.23
C ASP C 124 -16.98 16.46 -31.19
N GLY C 125 -16.03 16.36 -30.28
CA GLY C 125 -15.11 15.25 -30.30
C GLY C 125 -13.85 15.59 -31.07
N VAL C 126 -13.04 14.57 -31.30
CA VAL C 126 -11.72 14.77 -31.87
C VAL C 126 -11.38 13.64 -32.85
N SER C 127 -10.51 13.96 -33.80
CA SER C 127 -9.89 12.96 -34.66
C SER C 127 -8.49 12.69 -34.13
N ALA C 128 -8.19 11.43 -33.88
CA ALA C 128 -6.92 11.03 -33.29
C ALA C 128 -6.18 10.07 -34.21
N ILE C 129 -4.87 9.99 -34.01
CA ILE C 129 -4.03 9.04 -34.71
C ILE C 129 -3.22 8.28 -33.67
N THR C 130 -2.96 7.01 -33.96
CA THR C 130 -2.10 6.20 -33.11
C THR C 130 -0.64 6.49 -33.44
N LEU C 131 0.18 6.59 -32.41
CA LEU C 131 1.61 6.87 -32.56
C LEU C 131 2.41 6.01 -31.60
N ASP C 132 3.54 5.51 -32.08
CA ASP C 132 4.44 4.75 -31.21
C ASP C 132 5.00 5.68 -30.13
N ARG C 133 4.88 5.24 -28.88
CA ARG C 133 5.38 6.02 -27.75
C ARG C 133 6.88 5.89 -27.57
N GLY C 134 7.47 4.78 -28.01
CA GLY C 134 8.88 4.51 -27.81
C GLY C 134 9.18 3.72 -26.55
N LEU C 135 8.19 3.52 -25.69
CA LEU C 135 8.28 2.70 -24.49
C LEU C 135 7.52 1.40 -24.68
N PRO C 136 8.02 0.28 -24.16
CA PRO C 136 7.22 -0.95 -24.15
C PRO C 136 6.24 -0.94 -22.98
N ALA C 137 5.19 -1.77 -23.11
CA ALA C 137 4.16 -1.80 -22.08
C ALA C 137 4.69 -2.31 -20.75
N ASP C 138 5.69 -3.19 -20.78
CA ASP C 138 6.31 -3.65 -19.55
C ASP C 138 7.29 -2.62 -18.99
N GLY C 139 7.48 -1.50 -19.68
CA GLY C 139 8.45 -0.49 -19.28
C GLY C 139 8.09 0.22 -18.00
N GLY C 140 6.80 0.25 -17.64
CA GLY C 140 6.40 0.96 -16.44
C GLY C 140 6.92 0.30 -15.17
N ASP C 141 6.85 -1.03 -15.11
CA ASP C 141 7.31 -1.75 -13.93
C ASP C 141 8.77 -2.16 -14.05
N ALA C 142 9.21 -2.54 -15.25
CA ALA C 142 10.59 -2.96 -15.45
C ALA C 142 11.57 -1.80 -15.42
N MET C 143 11.09 -0.57 -15.67
CA MET C 143 11.96 0.61 -15.77
C MET C 143 11.43 1.70 -14.85
N PRO C 144 11.67 1.58 -13.53
CA PRO C 144 11.16 2.60 -12.61
C PRO C 144 11.91 3.93 -12.68
N TRP C 145 13.16 3.95 -13.16
CA TRP C 145 13.90 5.20 -13.24
C TRP C 145 13.33 6.18 -14.26
N LEU C 146 12.51 5.70 -15.20
CA LEU C 146 11.88 6.60 -16.17
C LEU C 146 10.66 7.32 -15.62
N ILE C 147 10.23 6.99 -14.40
CA ILE C 147 9.13 7.64 -13.67
C ILE C 147 7.97 8.01 -14.59
N ALA C 148 7.59 7.08 -15.47
CA ALA C 148 6.52 7.36 -16.43
C ALA C 148 5.17 7.59 -15.76
N SER C 149 5.03 7.26 -14.49
CA SER C 149 3.79 7.49 -13.75
C SER C 149 3.73 8.85 -13.09
N ALA C 150 4.77 9.68 -13.25
CA ALA C 150 4.84 10.99 -12.64
C ALA C 150 4.36 12.05 -13.62
N LYS C 151 3.47 12.93 -13.17
CA LYS C 151 3.01 14.05 -13.98
C LYS C 151 3.99 15.19 -13.78
N THR C 152 5.02 15.23 -14.62
CA THR C 152 6.09 16.21 -14.51
C THR C 152 5.85 17.40 -15.43
N LEU C 153 6.64 18.44 -15.21
CA LEU C 153 6.60 19.63 -16.05
C LEU C 153 7.33 19.43 -17.37
N SER C 154 7.83 18.22 -17.63
CA SER C 154 8.63 17.95 -18.83
C SER C 154 7.72 17.43 -19.93
N TYR C 155 7.00 18.37 -20.55
CA TYR C 155 5.98 18.08 -21.55
C TYR C 155 6.40 18.46 -22.97
N ALA C 156 7.71 18.54 -23.23
CA ALA C 156 8.15 18.93 -24.57
C ALA C 156 7.73 17.89 -25.61
N VAL C 157 7.87 16.61 -25.27
CA VAL C 157 7.50 15.55 -26.21
C VAL C 157 5.99 15.51 -26.40
N ASN C 158 5.23 15.69 -25.31
CA ASN C 158 3.78 15.70 -25.42
C ASN C 158 3.30 16.78 -26.37
N MET C 159 3.88 17.99 -26.27
CA MET C 159 3.47 19.07 -27.15
C MET C 159 3.98 18.86 -28.57
N ALA C 160 5.19 18.31 -28.70
CA ALA C 160 5.72 18.03 -30.03
C ALA C 160 4.89 16.96 -30.73
N VAL C 161 4.45 15.95 -29.97
CA VAL C 161 3.59 14.91 -30.53
C VAL C 161 2.26 15.49 -31.01
N LEU C 162 1.71 16.43 -30.24
CA LEU C 162 0.45 17.06 -30.64
C LEU C 162 0.63 17.95 -31.85
N ARG C 163 1.75 18.67 -31.93
CA ARG C 163 2.01 19.51 -33.11
C ARG C 163 2.24 18.64 -34.34
N HIS C 164 2.88 17.49 -34.17
CA HIS C 164 3.08 16.58 -35.29
C HIS C 164 1.75 16.11 -35.86
N ALA C 165 0.79 15.78 -34.98
CA ALA C 165 -0.52 15.35 -35.44
C ALA C 165 -1.35 16.50 -35.98
N ALA C 166 -1.12 17.71 -35.48
CA ALA C 166 -1.85 18.88 -35.98
C ALA C 166 -1.50 19.17 -37.43
N ARG C 167 -0.23 19.00 -37.81
CA ARG C 167 0.18 19.19 -39.19
C ARG C 167 -0.42 18.16 -40.14
N GLN C 168 -0.99 17.08 -39.61
CA GLN C 168 -1.60 16.03 -40.41
C GLN C 168 -3.12 15.98 -40.22
N GLY C 169 -3.71 17.07 -39.72
CA GLY C 169 -5.15 17.14 -39.57
C GLY C 169 -5.72 16.40 -38.38
N ALA C 170 -4.89 15.93 -37.45
CA ALA C 170 -5.35 15.20 -36.29
C ALA C 170 -5.40 16.11 -35.08
N GLY C 171 -6.47 15.98 -34.30
CA GLY C 171 -6.68 16.84 -33.14
C GLY C 171 -6.06 16.31 -31.87
N ASP C 172 -5.73 15.02 -31.84
CA ASP C 172 -5.10 14.42 -30.67
C ASP C 172 -4.40 13.14 -31.08
N VAL C 173 -3.84 12.44 -30.10
CA VAL C 173 -3.00 11.27 -30.32
C VAL C 173 -3.36 10.21 -29.29
N ILE C 174 -3.31 8.95 -29.70
CA ILE C 174 -3.40 7.82 -28.79
C ILE C 174 -2.06 7.10 -28.83
N PHE C 175 -1.33 7.12 -27.72
CA PHE C 175 -0.03 6.47 -27.66
C PHE C 175 -0.21 4.96 -27.59
N VAL C 176 0.53 4.24 -28.42
CA VAL C 176 0.58 2.79 -28.40
C VAL C 176 2.01 2.36 -28.16
N SER C 177 2.18 1.30 -27.37
CA SER C 177 3.50 0.81 -27.05
C SER C 177 4.13 0.15 -28.28
N THR C 178 5.46 -0.03 -28.22
CA THR C 178 6.16 -0.71 -29.31
C THR C 178 5.66 -2.14 -29.48
N ASP C 179 5.26 -2.79 -28.39
CA ASP C 179 4.66 -4.12 -28.45
C ASP C 179 3.23 -4.08 -28.99
N GLY C 180 2.60 -2.91 -29.08
CA GLY C 180 1.28 -2.80 -29.64
C GLY C 180 0.10 -2.63 -28.70
N TYR C 181 0.32 -2.30 -27.43
CA TYR C 181 -0.77 -2.09 -26.50
C TYR C 181 -1.10 -0.61 -26.38
N VAL C 182 -2.39 -0.32 -26.19
CA VAL C 182 -2.84 1.06 -26.04
C VAL C 182 -2.37 1.60 -24.70
N LEU C 183 -1.77 2.79 -24.72
CA LEU C 183 -1.30 3.40 -23.49
C LEU C 183 -2.24 4.51 -23.04
N GLU C 184 -2.05 5.71 -23.59
CA GLU C 184 -2.86 6.86 -23.23
C GLU C 184 -2.68 7.93 -24.29
N GLY C 185 -3.26 9.10 -24.05
CA GLY C 185 -3.02 10.25 -24.89
C GLY C 185 -1.92 11.10 -24.28
N PRO C 186 -1.37 12.03 -25.06
CA PRO C 186 -0.37 12.96 -24.51
C PRO C 186 -0.91 13.85 -23.41
N ARG C 187 -2.24 13.92 -23.26
CA ARG C 187 -2.83 14.75 -22.22
C ARG C 187 -4.15 14.17 -21.70
N SER C 188 -4.40 12.87 -21.88
CA SER C 188 -5.69 12.30 -21.52
C SER C 188 -5.55 10.79 -21.33
N THR C 189 -6.61 10.20 -20.80
CA THR C 189 -6.71 8.76 -20.55
C THR C 189 -7.64 8.15 -21.59
N VAL C 190 -7.24 7.00 -22.14
CA VAL C 190 -8.02 6.34 -23.17
C VAL C 190 -9.03 5.42 -22.50
N VAL C 191 -10.31 5.69 -22.73
CA VAL C 191 -11.41 4.87 -22.24
C VAL C 191 -12.27 4.47 -23.42
N ILE C 192 -12.58 3.18 -23.52
CA ILE C 192 -13.42 2.66 -24.60
C ILE C 192 -14.66 2.02 -23.99
N ALA C 193 -15.62 1.72 -24.85
CA ALA C 193 -16.93 1.21 -24.46
C ALA C 193 -17.23 -0.06 -25.25
N THR C 194 -17.44 -1.17 -24.54
CA THR C 194 -17.74 -2.44 -25.17
C THR C 194 -19.08 -2.96 -24.67
N ASP C 195 -19.71 -3.81 -25.47
CA ASP C 195 -21.01 -4.38 -25.13
C ASP C 195 -20.88 -5.66 -24.30
N PRO C 203 -22.86 -3.34 -21.87
CA PRO C 203 -22.22 -2.06 -21.54
C PRO C 203 -21.05 -2.23 -20.57
N CYS C 204 -19.85 -2.01 -21.08
CA CYS C 204 -18.63 -2.20 -20.32
C CYS C 204 -17.62 -1.12 -20.71
N LEU C 205 -16.97 -0.52 -19.72
CA LEU C 205 -15.96 0.50 -19.94
C LEU C 205 -14.58 -0.05 -19.61
N LEU C 206 -13.62 0.17 -20.50
CA LEU C 206 -12.28 -0.36 -20.33
C LEU C 206 -11.24 0.74 -20.45
N THR C 207 -10.09 0.52 -19.81
CA THR C 207 -8.98 1.46 -19.84
C THR C 207 -7.70 0.70 -19.60
N PRO C 208 -6.57 1.16 -20.13
CA PRO C 208 -5.31 0.44 -19.95
C PRO C 208 -4.94 0.39 -18.48
N PRO C 209 -4.22 -0.65 -18.06
CA PRO C 209 -3.90 -0.82 -16.64
C PRO C 209 -2.80 0.14 -16.20
N PRO C 210 -2.77 0.51 -14.92
CA PRO C 210 -1.85 1.56 -14.47
C PRO C 210 -0.39 1.14 -14.39
N TRP C 211 -0.08 -0.16 -14.34
CA TRP C 211 1.33 -0.53 -14.32
C TRP C 211 2.01 -0.33 -15.67
N TYR C 212 1.24 0.03 -16.71
CA TYR C 212 1.82 0.46 -17.96
C TYR C 212 2.54 1.80 -17.74
N PRO C 213 3.51 2.15 -18.58
CA PRO C 213 4.19 3.43 -18.42
C PRO C 213 3.27 4.60 -18.74
N ILE C 214 2.20 4.76 -17.95
CA ILE C 214 1.18 5.78 -18.17
C ILE C 214 0.82 6.42 -16.84
N LEU C 215 0.11 7.54 -16.93
CA LEU C 215 -0.44 8.21 -15.76
C LEU C 215 -1.78 7.60 -15.36
N ARG C 216 -2.07 7.66 -14.06
CA ARG C 216 -3.39 7.29 -13.57
C ARG C 216 -4.32 8.49 -13.70
N GLY C 217 -5.39 8.32 -14.46
CA GLY C 217 -6.29 9.42 -14.70
C GLY C 217 -7.26 9.66 -13.57
N THR C 218 -7.20 10.84 -12.95
CA THR C 218 -8.12 11.17 -11.88
C THR C 218 -9.56 11.20 -12.37
N THR C 219 -9.80 11.76 -13.56
CA THR C 219 -11.15 11.84 -14.09
C THR C 219 -11.69 10.46 -14.44
N GLN C 220 -10.84 9.59 -14.99
CA GLN C 220 -11.27 8.24 -15.33
C GLN C 220 -11.68 7.46 -14.09
N GLN C 221 -10.95 7.61 -12.99
CA GLN C 221 -11.27 6.87 -11.77
C GLN C 221 -12.62 7.27 -11.23
N ALA C 222 -12.90 8.58 -11.17
CA ALA C 222 -14.20 9.04 -10.75
C ALA C 222 -15.29 8.59 -11.72
N LEU C 223 -14.95 8.50 -13.01
CA LEU C 223 -15.88 7.98 -13.99
C LEU C 223 -16.22 6.51 -13.70
N PHE C 224 -15.20 5.72 -13.34
CA PHE C 224 -15.47 4.33 -13.00
C PHE C 224 -16.37 4.20 -11.78
N GLU C 225 -16.26 5.13 -10.83
CA GLU C 225 -17.09 5.06 -9.63
C GLU C 225 -18.55 5.34 -9.96
N VAL C 226 -18.81 6.39 -10.73
CA VAL C 226 -20.19 6.74 -11.04
C VAL C 226 -20.80 5.71 -12.00
N ALA C 227 -19.99 5.19 -12.93
CA ALA C 227 -20.50 4.22 -13.88
C ALA C 227 -20.81 2.89 -13.19
N ARG C 228 -19.95 2.48 -12.25
CA ARG C 228 -20.22 1.27 -11.49
C ARG C 228 -21.46 1.44 -10.61
N ALA C 229 -21.66 2.64 -10.05
CA ALA C 229 -22.83 2.90 -9.24
C ALA C 229 -24.10 3.00 -10.06
N LYS C 230 -23.99 3.12 -11.39
CA LYS C 230 -25.14 3.19 -12.27
C LYS C 230 -25.37 1.91 -13.05
N GLY C 231 -24.57 0.87 -12.82
CA GLY C 231 -24.76 -0.42 -13.45
C GLY C 231 -23.71 -0.82 -14.46
N TYR C 232 -22.80 0.07 -14.83
CA TYR C 232 -21.76 -0.25 -15.79
C TYR C 232 -20.63 -1.02 -15.14
N ASP C 233 -20.14 -2.04 -15.85
CA ASP C 233 -18.97 -2.78 -15.39
C ASP C 233 -17.73 -2.12 -16.01
N CYS C 234 -16.74 -1.83 -15.17
CA CYS C 234 -15.53 -1.18 -15.62
C CYS C 234 -14.32 -1.98 -15.15
N ASP C 235 -13.27 -1.99 -15.97
CA ASP C 235 -12.11 -2.79 -15.63
C ASP C 235 -10.91 -2.29 -16.41
N TYR C 236 -9.73 -2.72 -15.97
CA TYR C 236 -8.45 -2.34 -16.56
C TYR C 236 -7.89 -3.52 -17.34
N ARG C 237 -7.79 -3.37 -18.66
CA ARG C 237 -7.37 -4.47 -19.52
C ARG C 237 -6.31 -4.01 -20.51
N ALA C 238 -5.56 -4.98 -21.02
CA ALA C 238 -4.54 -4.76 -22.04
C ALA C 238 -5.23 -4.64 -23.39
N LEU C 239 -5.39 -3.41 -23.87
CA LEU C 239 -6.09 -3.12 -25.11
C LEU C 239 -5.10 -2.98 -26.25
N ARG C 240 -5.49 -3.48 -27.43
CA ARG C 240 -4.71 -3.29 -28.65
C ARG C 240 -5.53 -2.46 -29.62
N VAL C 241 -4.89 -2.08 -30.73
CA VAL C 241 -5.53 -1.16 -31.67
C VAL C 241 -6.81 -1.74 -32.23
N ALA C 242 -6.87 -3.06 -32.42
CA ALA C 242 -8.10 -3.69 -32.88
C ALA C 242 -9.25 -3.44 -31.91
N ASP C 243 -8.97 -3.47 -30.61
CA ASP C 243 -9.99 -3.17 -29.62
C ASP C 243 -10.50 -1.74 -29.71
N LEU C 244 -9.69 -0.83 -30.25
CA LEU C 244 -10.15 0.55 -30.42
C LEU C 244 -11.20 0.64 -31.52
N PHE C 245 -10.97 -0.05 -32.64
CA PHE C 245 -11.88 0.07 -33.79
C PHE C 245 -13.14 -0.76 -33.61
N ASP C 246 -13.11 -1.83 -32.83
CA ASP C 246 -14.28 -2.67 -32.62
C ASP C 246 -15.12 -2.23 -31.43
N SER C 247 -14.72 -1.14 -30.76
CA SER C 247 -15.43 -0.69 -29.58
C SER C 247 -16.70 0.07 -29.96
N GLN C 248 -17.58 0.24 -28.98
CA GLN C 248 -18.77 1.05 -29.16
C GLN C 248 -18.48 2.55 -29.04
N GLY C 249 -17.36 2.91 -28.42
CA GLY C 249 -16.98 4.31 -28.31
C GLY C 249 -15.58 4.49 -27.75
N ILE C 250 -14.91 5.57 -28.12
CA ILE C 250 -13.62 5.94 -27.59
C ILE C 250 -13.68 7.36 -27.06
N TRP C 251 -13.11 7.59 -25.88
CA TRP C 251 -13.04 8.92 -25.30
C TRP C 251 -11.66 9.20 -24.72
N LEU C 252 -11.23 10.45 -24.87
CA LEU C 252 -10.00 10.95 -24.24
C LEU C 252 -10.42 11.74 -23.01
N VAL C 253 -10.27 11.14 -21.83
CA VAL C 253 -10.77 11.69 -20.59
C VAL C 253 -9.65 12.41 -19.85
N SER C 254 -9.96 13.59 -19.31
CA SER C 254 -8.99 14.40 -18.60
C SER C 254 -9.73 15.38 -17.69
N SER C 255 -8.97 16.13 -16.90
CA SER C 255 -9.56 16.96 -15.85
C SER C 255 -10.24 18.21 -16.39
N MET C 256 -9.69 18.83 -17.42
CA MET C 256 -10.25 20.06 -17.98
C MET C 256 -11.16 19.80 -19.17
N THR C 257 -10.73 18.97 -20.11
CA THR C 257 -11.55 18.65 -21.28
C THR C 257 -12.68 17.67 -20.94
N LEU C 258 -12.59 16.99 -19.79
CA LEU C 258 -13.58 16.02 -19.34
C LEU C 258 -13.64 14.80 -20.25
N ALA C 259 -14.39 14.88 -21.34
CA ALA C 259 -14.59 13.73 -22.23
C ALA C 259 -14.60 14.20 -23.67
N ALA C 260 -13.66 13.71 -24.46
CA ALA C 260 -13.58 14.01 -25.89
C ALA C 260 -13.73 12.71 -26.66
N ARG C 261 -14.89 12.52 -27.28
CA ARG C 261 -15.11 11.33 -28.09
C ARG C 261 -14.25 11.36 -29.34
N VAL C 262 -13.66 10.21 -29.67
CA VAL C 262 -12.87 10.08 -30.89
C VAL C 262 -13.84 9.64 -31.99
N HIS C 263 -14.22 10.58 -32.85
CA HIS C 263 -15.12 10.26 -33.95
C HIS C 263 -14.38 9.74 -35.17
N THR C 264 -13.07 9.96 -35.24
CA THR C 264 -12.26 9.49 -36.35
C THR C 264 -10.92 9.00 -35.79
N LEU C 265 -10.60 7.75 -36.04
CA LEU C 265 -9.38 7.11 -35.56
C LEU C 265 -8.56 6.66 -36.76
N ASP C 266 -7.36 7.23 -36.90
CA ASP C 266 -6.47 6.92 -38.02
C ASP C 266 -7.19 7.12 -39.35
N GLY C 267 -7.94 8.21 -39.45
CA GLY C 267 -8.67 8.56 -40.65
C GLY C 267 -10.00 7.85 -40.83
N ARG C 268 -10.30 6.82 -40.05
CA ARG C 268 -11.55 6.08 -40.20
C ARG C 268 -12.62 6.71 -39.32
N ARG C 269 -13.72 7.13 -39.92
CA ARG C 269 -14.79 7.71 -39.13
C ARG C 269 -15.46 6.62 -38.32
N LEU C 270 -15.70 6.89 -37.05
CA LEU C 270 -16.26 5.86 -36.20
C LEU C 270 -17.73 6.12 -35.91
N PRO C 271 -18.57 5.10 -36.00
CA PRO C 271 -20.01 5.31 -35.81
C PRO C 271 -20.33 5.69 -34.37
N ARG C 272 -21.48 6.36 -34.21
CA ARG C 272 -21.95 6.79 -32.92
C ARG C 272 -22.90 5.75 -32.34
N THR C 273 -22.75 5.47 -31.06
CA THR C 273 -23.44 4.46 -30.29
C THR C 273 -24.31 5.12 -29.22
N PRO C 274 -25.45 4.51 -28.84
CA PRO C 274 -26.29 5.08 -27.78
C PRO C 274 -25.56 5.48 -26.50
N ILE C 275 -24.40 4.86 -26.22
CA ILE C 275 -23.62 5.23 -25.05
C ILE C 275 -22.96 6.60 -25.18
N ALA C 276 -22.94 7.19 -26.38
CA ALA C 276 -22.19 8.42 -26.57
C ALA C 276 -22.82 9.61 -25.87
N GLU C 277 -24.15 9.66 -25.77
CA GLU C 277 -24.78 10.76 -25.06
C GLU C 277 -24.71 10.59 -23.54
N VAL C 278 -24.78 9.37 -23.04
CA VAL C 278 -24.75 9.16 -21.60
C VAL C 278 -23.35 9.28 -21.02
N PHE C 279 -22.31 9.04 -21.83
CA PHE C 279 -20.94 9.03 -21.32
C PHE C 279 -20.56 10.40 -20.77
N ALA C 280 -20.91 11.47 -21.49
CA ALA C 280 -20.60 12.82 -21.03
C ALA C 280 -21.31 13.13 -19.72
N GLU C 281 -22.57 12.67 -19.58
CA GLU C 281 -23.28 12.83 -18.32
C GLU C 281 -22.60 12.07 -17.20
N LEU C 282 -22.02 10.91 -17.51
CA LEU C 282 -21.29 10.14 -16.51
C LEU C 282 -20.06 10.90 -16.03
N VAL C 283 -19.39 11.61 -16.95
CA VAL C 283 -18.23 12.39 -16.55
C VAL C 283 -18.64 13.65 -15.80
N ASP C 284 -19.82 14.20 -16.12
CA ASP C 284 -20.29 15.38 -15.40
C ASP C 284 -20.50 15.09 -13.93
N ALA C 285 -21.17 13.97 -13.63
CA ALA C 285 -21.37 13.59 -12.23
C ALA C 285 -20.09 13.11 -11.57
N ALA C 286 -19.12 12.64 -12.36
CA ALA C 286 -17.88 12.14 -11.78
C ALA C 286 -17.06 13.25 -11.14
N ILE C 287 -16.84 14.35 -11.87
CA ILE C 287 -16.03 15.45 -11.37
C ILE C 287 -16.72 16.25 -10.28
N VAL C 288 -18.00 16.00 -10.04
CA VAL C 288 -18.76 16.62 -8.96
C VAL C 288 -19.13 15.61 -7.88
N SER C 289 -18.71 14.36 -8.03
CA SER C 289 -19.00 13.34 -7.03
C SER C 289 -18.37 13.65 -5.67
N ASP C 290 -17.28 14.42 -5.66
CA ASP C 290 -16.71 14.86 -4.39
C ASP C 290 -17.66 15.79 -3.65
N ARG C 291 -18.47 16.56 -4.38
CA ARG C 291 -19.46 17.44 -3.75
C ARG C 291 -20.76 16.69 -3.47
N ALA D 2 25.27 33.85 -10.32
CA ALA D 2 24.63 33.69 -11.62
C ALA D 2 24.39 35.05 -12.28
N MET D 3 24.61 35.11 -13.60
CA MET D 3 24.44 36.33 -14.38
C MET D 3 23.54 36.04 -15.56
N VAL D 4 22.63 36.96 -15.85
CA VAL D 4 21.65 36.79 -16.92
C VAL D 4 21.76 37.98 -17.86
N VAL D 5 21.78 37.70 -19.16
CA VAL D 5 21.83 38.72 -20.22
C VAL D 5 20.80 38.31 -21.26
N THR D 6 19.74 39.09 -21.40
CA THR D 6 18.71 38.77 -22.37
C THR D 6 19.16 39.15 -23.78
N LEU D 7 18.47 38.58 -24.77
CA LEU D 7 18.78 38.86 -26.17
C LEU D 7 18.50 40.32 -26.53
N ASP D 8 17.72 41.02 -25.71
CA ASP D 8 17.54 42.46 -25.90
C ASP D 8 18.84 43.22 -25.73
N GLY D 9 19.80 42.65 -25.02
CA GLY D 9 21.12 43.22 -24.86
C GLY D 9 21.41 43.88 -23.52
N GLU D 10 20.52 43.77 -22.54
CA GLU D 10 20.72 44.37 -21.23
C GLU D 10 21.03 43.29 -20.20
N ILE D 11 21.76 43.68 -19.16
CA ILE D 11 22.12 42.78 -18.07
C ILE D 11 21.12 42.95 -16.95
N LEU D 12 20.51 41.84 -16.54
CA LEU D 12 19.38 41.87 -15.61
C LEU D 12 19.85 42.07 -14.18
N GLN D 13 19.01 42.76 -13.40
CA GLN D 13 19.31 43.09 -12.01
C GLN D 13 19.39 41.85 -11.14
N PRO D 14 20.42 41.69 -10.30
CA PRO D 14 20.51 40.49 -9.47
C PRO D 14 19.39 40.48 -8.44
N GLY D 15 18.89 39.28 -8.14
CA GLY D 15 17.80 39.16 -7.20
C GLY D 15 16.43 39.44 -7.78
N MET D 16 16.31 39.55 -9.10
CA MET D 16 15.04 39.88 -9.71
C MET D 16 14.53 38.75 -10.60
N PRO D 17 13.23 38.45 -10.53
CA PRO D 17 12.69 37.40 -11.39
C PRO D 17 12.69 37.83 -12.84
N LEU D 18 12.89 36.84 -13.72
CA LEU D 18 12.90 37.09 -15.16
C LEU D 18 11.69 36.52 -15.89
N LEU D 19 11.22 35.34 -15.51
CA LEU D 19 10.19 34.64 -16.25
C LEU D 19 8.83 34.79 -15.57
N HIS D 20 7.79 34.91 -16.39
CA HIS D 20 6.44 34.96 -15.86
C HIS D 20 5.96 33.56 -15.48
N ALA D 21 4.88 33.52 -14.71
CA ALA D 21 4.38 32.25 -14.19
C ALA D 21 3.78 31.37 -15.28
N ASP D 22 3.45 31.93 -16.45
CA ASP D 22 2.82 31.17 -17.53
C ASP D 22 3.78 30.90 -18.68
N ASP D 23 5.08 31.09 -18.46
CA ASP D 23 6.06 30.78 -19.50
C ASP D 23 6.07 29.29 -19.77
N LEU D 24 6.01 28.92 -21.04
CA LEU D 24 5.91 27.51 -21.41
C LEU D 24 7.15 26.72 -21.03
N ALA D 25 8.28 27.40 -20.76
CA ALA D 25 9.44 26.70 -20.23
C ALA D 25 9.16 26.14 -18.85
N ALA D 26 8.34 26.84 -18.06
CA ALA D 26 8.04 26.44 -16.69
C ALA D 26 6.81 25.56 -16.60
N VAL D 27 5.79 25.83 -17.41
CA VAL D 27 4.53 25.09 -17.34
C VAL D 27 4.58 23.81 -18.15
N ARG D 28 5.41 23.75 -19.19
CA ARG D 28 5.44 22.60 -20.08
C ARG D 28 6.84 22.10 -20.39
N GLY D 29 7.88 22.69 -19.81
CA GLY D 29 9.23 22.34 -20.21
C GLY D 29 9.43 22.49 -21.71
N ASP D 30 8.69 23.42 -22.32
CA ASP D 30 8.56 23.53 -23.77
C ASP D 30 9.59 24.53 -24.29
N GLY D 31 10.78 24.04 -24.59
CA GLY D 31 11.82 24.89 -25.12
C GLY D 31 13.08 24.09 -25.31
N VAL D 32 14.10 24.75 -25.84
CA VAL D 32 15.40 24.14 -26.07
C VAL D 32 16.46 24.97 -25.38
N PHE D 33 17.60 24.34 -25.12
CA PHE D 33 18.69 25.03 -24.47
C PHE D 33 20.02 24.41 -24.90
N GLU D 34 21.10 25.11 -24.57
CA GLU D 34 22.45 24.66 -24.87
C GLU D 34 23.34 25.00 -23.69
N THR D 35 24.42 24.24 -23.53
CA THR D 35 25.37 24.44 -22.45
C THR D 35 26.77 24.62 -23.02
N LEU D 36 27.43 25.70 -22.62
CA LEU D 36 28.77 26.03 -23.11
C LEU D 36 29.70 26.25 -21.93
N LEU D 37 30.98 25.97 -22.15
CA LEU D 37 32.01 26.14 -21.13
C LEU D 37 32.79 27.42 -21.40
N VAL D 38 32.89 28.27 -20.38
CA VAL D 38 33.73 29.47 -20.45
C VAL D 38 35.09 29.14 -19.87
N ARG D 39 36.14 29.26 -20.68
CA ARG D 39 37.49 28.96 -20.25
C ARG D 39 38.44 29.98 -20.85
N ASP D 40 39.20 30.67 -19.99
CA ASP D 40 40.23 31.60 -20.41
C ASP D 40 39.70 32.65 -21.38
N GLY D 41 38.59 33.28 -20.99
CA GLY D 41 38.09 34.45 -21.69
C GLY D 41 37.09 34.20 -22.81
N ARG D 42 36.70 32.95 -23.06
CA ARG D 42 35.76 32.70 -24.15
C ARG D 42 34.98 31.41 -23.87
N ALA D 43 33.72 31.42 -24.29
CA ALA D 43 32.93 30.20 -24.29
C ALA D 43 33.41 29.28 -25.42
N CYS D 44 33.39 27.97 -25.16
CA CYS D 44 34.03 27.03 -26.07
C CYS D 44 33.03 26.57 -27.13
N LEU D 45 33.46 26.63 -28.39
CA LEU D 45 32.70 26.13 -29.53
C LEU D 45 31.32 26.79 -29.59
N VAL D 46 31.34 28.12 -29.68
CA VAL D 46 30.08 28.87 -29.70
C VAL D 46 29.31 28.56 -30.97
N GLU D 47 30.00 28.55 -32.12
CA GLU D 47 29.31 28.32 -33.39
C GLU D 47 28.67 26.93 -33.42
N ALA D 48 29.41 25.91 -32.97
CA ALA D 48 28.86 24.56 -32.96
C ALA D 48 27.67 24.43 -32.02
N HIS D 49 27.64 25.21 -30.95
CA HIS D 49 26.51 25.16 -30.02
C HIS D 49 25.29 25.88 -30.58
N LEU D 50 25.51 26.96 -31.34
CA LEU D 50 24.40 27.64 -31.99
C LEU D 50 23.87 26.85 -33.17
N GLN D 51 24.70 25.98 -33.74
CA GLN D 51 24.25 25.10 -34.80
C GLN D 51 23.28 24.05 -34.27
N ARG D 52 23.62 23.40 -33.15
CA ARG D 52 22.71 22.43 -32.55
C ARG D 52 21.48 23.11 -31.96
N LEU D 53 21.65 24.32 -31.41
CA LEU D 53 20.50 25.07 -30.93
C LEU D 53 19.54 25.41 -32.06
N THR D 54 20.08 25.75 -33.23
CA THR D 54 19.24 26.04 -34.39
C THR D 54 18.46 24.80 -34.83
N GLN D 55 19.09 23.63 -34.75
CA GLN D 55 18.41 22.42 -35.16
C GLN D 55 17.34 22.02 -34.14
N SER D 56 17.67 22.15 -32.85
CA SER D 56 16.70 21.82 -31.81
C SER D 56 15.45 22.69 -31.92
N ALA D 57 15.62 23.95 -32.33
CA ALA D 57 14.45 24.81 -32.53
C ALA D 57 13.60 24.30 -33.68
N ARG D 58 14.25 23.77 -34.72
CA ARG D 58 13.51 23.25 -35.87
C ARG D 58 12.73 21.98 -35.52
N LEU D 59 13.34 21.06 -34.77
CA LEU D 59 12.58 19.90 -34.30
C LEU D 59 11.48 20.30 -33.33
N MET D 60 11.59 21.47 -32.70
CA MET D 60 10.63 21.91 -31.72
C MET D 60 9.68 22.98 -32.25
N ASP D 61 9.69 23.20 -33.56
CA ASP D 61 8.80 24.17 -34.21
C ASP D 61 8.95 25.56 -33.56
N LEU D 62 10.18 25.89 -33.22
CA LEU D 62 10.55 27.19 -32.67
C LEU D 62 11.08 28.10 -33.77
N PRO D 63 10.87 29.41 -33.65
CA PRO D 63 11.45 30.33 -34.62
C PRO D 63 12.96 30.17 -34.70
N GLU D 64 13.49 30.28 -35.92
CA GLU D 64 14.91 30.08 -36.13
C GLU D 64 15.69 31.11 -35.32
N PRO D 65 16.62 30.69 -34.45
CA PRO D 65 17.28 31.64 -33.55
C PRO D 65 18.09 32.68 -34.31
N ASP D 66 18.00 33.92 -33.85
CA ASP D 66 18.75 35.03 -34.43
C ASP D 66 20.20 34.93 -33.94
N LEU D 67 21.05 34.35 -34.78
CA LEU D 67 22.42 34.08 -34.35
C LEU D 67 23.23 35.34 -34.04
N PRO D 68 23.13 36.44 -34.79
CA PRO D 68 23.84 37.66 -34.36
C PRO D 68 23.40 38.14 -32.98
N ARG D 69 22.12 37.98 -32.64
CA ARG D 69 21.64 38.37 -31.32
C ARG D 69 22.16 37.41 -30.25
N TRP D 70 22.22 36.11 -30.56
CA TRP D 70 22.73 35.13 -29.61
C TRP D 70 24.22 35.29 -29.38
N ARG D 71 24.99 35.55 -30.44
CA ARG D 71 26.44 35.68 -30.29
C ARG D 71 26.82 36.90 -29.47
N ARG D 72 26.05 37.98 -29.55
CA ARG D 72 26.35 39.16 -28.75
C ARG D 72 26.02 38.91 -27.28
N ALA D 73 24.89 38.25 -27.01
CA ALA D 73 24.53 37.91 -25.63
C ALA D 73 25.57 37.01 -25.00
N VAL D 74 26.15 36.10 -25.78
CA VAL D 74 27.21 35.23 -25.26
C VAL D 74 28.45 36.06 -24.94
N GLU D 75 28.80 37.00 -25.80
CA GLU D 75 30.00 37.82 -25.60
C GLU D 75 29.83 38.75 -24.40
N VAL D 76 28.64 39.34 -24.25
CA VAL D 76 28.40 40.24 -23.12
C VAL D 76 28.47 39.49 -21.80
N ALA D 77 27.79 38.33 -21.73
CA ALA D 77 27.80 37.55 -20.49
C ALA D 77 29.20 37.01 -20.22
N THR D 78 29.93 36.63 -21.26
CA THR D 78 31.30 36.14 -21.08
C THR D 78 32.19 37.23 -20.48
N GLN D 79 32.18 38.41 -21.09
CA GLN D 79 33.00 39.51 -20.57
C GLN D 79 32.52 39.96 -19.21
N ARG D 80 31.24 39.75 -18.89
CA ARG D 80 30.73 40.07 -17.58
C ARG D 80 31.25 39.08 -16.53
N TRP D 81 31.38 37.81 -16.92
CA TRP D 81 31.90 36.79 -16.01
C TRP D 81 33.41 36.89 -15.84
N VAL D 82 34.14 37.07 -16.93
CA VAL D 82 35.61 37.09 -16.86
C VAL D 82 36.08 38.27 -16.00
N ALA D 83 35.37 39.39 -16.06
CA ALA D 83 35.71 40.51 -15.19
C ALA D 83 35.46 40.16 -13.74
N SER D 84 34.47 39.30 -13.48
CA SER D 84 34.12 38.95 -12.10
C SER D 84 35.06 37.89 -11.53
N THR D 85 35.52 36.96 -12.36
CA THR D 85 36.35 35.87 -11.84
C THR D 85 37.16 35.26 -12.98
N ALA D 86 38.27 34.63 -12.60
CA ALA D 86 39.09 33.85 -13.52
C ALA D 86 38.71 32.39 -13.55
N ASP D 87 37.80 31.96 -12.69
CA ASP D 87 37.33 30.59 -12.68
C ASP D 87 36.47 30.30 -13.92
N GLU D 88 36.32 29.01 -14.21
CA GLU D 88 35.47 28.59 -15.31
C GLU D 88 34.01 28.90 -15.02
N GLY D 89 33.22 29.04 -16.09
CA GLY D 89 31.82 29.37 -15.96
C GLY D 89 30.95 28.41 -16.75
N ALA D 90 29.69 28.34 -16.33
CA ALA D 90 28.67 27.52 -16.98
C ALA D 90 27.73 28.45 -17.74
N LEU D 91 27.94 28.56 -19.05
CA LEU D 91 27.13 29.42 -19.91
C LEU D 91 26.05 28.60 -20.59
N ARG D 92 24.81 29.06 -20.50
CA ARG D 92 23.66 28.37 -21.06
C ARG D 92 22.79 29.32 -21.86
N LEU D 93 22.30 28.83 -23.01
CA LEU D 93 21.38 29.56 -23.87
C LEU D 93 19.99 28.99 -23.68
N ILE D 94 19.08 29.79 -23.14
CA ILE D 94 17.71 29.35 -22.87
C ILE D 94 16.79 29.92 -23.93
N TYR D 95 16.11 29.03 -24.66
CA TYR D 95 15.25 29.40 -25.78
C TYR D 95 13.94 28.65 -25.63
N SER D 96 12.90 29.34 -25.14
CA SER D 96 11.60 28.74 -24.88
C SER D 96 10.55 29.31 -25.82
N ARG D 97 9.42 28.61 -25.89
CA ARG D 97 8.32 29.01 -26.76
C ARG D 97 7.66 30.31 -26.34
N GLY D 98 7.90 30.78 -25.12
CA GLY D 98 7.30 32.01 -24.64
C GLY D 98 6.12 31.74 -23.73
N ARG D 99 5.40 32.82 -23.44
CA ARG D 99 4.24 32.72 -22.57
C ARG D 99 3.07 32.07 -23.28
N GLU D 100 2.17 31.49 -22.49
CA GLU D 100 0.95 30.92 -23.04
C GLU D 100 0.07 32.03 -23.59
N GLY D 101 -0.35 31.89 -24.85
CA GLY D 101 -1.13 32.91 -25.52
C GLY D 101 -0.33 34.06 -26.11
N GLY D 102 0.94 34.23 -25.71
CA GLY D 102 1.79 35.23 -26.31
C GLY D 102 2.46 34.73 -27.57
N SER D 103 3.21 35.62 -28.20
CA SER D 103 3.88 35.31 -29.45
C SER D 103 5.39 35.32 -29.37
N ALA D 104 5.97 36.28 -28.66
CA ALA D 104 7.43 36.38 -28.60
C ALA D 104 8.01 35.23 -27.79
N PRO D 105 8.98 34.49 -28.33
CA PRO D 105 9.62 33.44 -27.54
C PRO D 105 10.60 34.01 -26.53
N THR D 106 10.82 33.25 -25.45
CA THR D 106 11.75 33.65 -24.41
C THR D 106 13.17 33.20 -24.78
N ALA D 107 14.12 34.11 -24.66
CA ALA D 107 15.50 33.84 -25.05
C ALA D 107 16.43 34.64 -24.17
N TYR D 108 17.35 33.97 -23.50
CA TYR D 108 18.36 34.65 -22.69
C TYR D 108 19.56 33.74 -22.51
N VAL D 109 20.65 34.32 -22.02
CA VAL D 109 21.90 33.63 -21.75
C VAL D 109 22.25 33.82 -20.29
N MET D 110 22.69 32.75 -19.63
CA MET D 110 22.95 32.76 -18.20
C MET D 110 24.28 32.08 -17.91
N VAL D 111 25.11 32.72 -17.10
CA VAL D 111 26.39 32.16 -16.67
C VAL D 111 26.35 31.92 -15.17
N SER D 112 26.87 30.78 -14.75
CA SER D 112 26.85 30.33 -13.36
C SER D 112 28.17 29.65 -13.06
N PRO D 113 28.50 29.47 -11.78
CA PRO D 113 29.72 28.74 -11.43
C PRO D 113 29.63 27.28 -11.83
N VAL D 114 30.77 26.71 -12.20
CA VAL D 114 30.85 25.29 -12.50
C VAL D 114 30.78 24.49 -11.20
N PRO D 115 29.89 23.50 -11.10
CA PRO D 115 29.74 22.76 -9.84
C PRO D 115 31.00 21.99 -9.49
N ALA D 116 31.15 21.73 -8.19
CA ALA D 116 32.32 21.02 -7.68
C ALA D 116 32.39 19.57 -8.15
N ARG D 117 31.25 18.99 -8.54
CA ARG D 117 31.25 17.63 -9.07
C ARG D 117 32.10 17.49 -10.31
N VAL D 118 32.34 18.60 -11.04
CA VAL D 118 33.05 18.52 -12.31
C VAL D 118 34.53 18.24 -12.10
N ILE D 119 35.15 18.92 -11.13
CA ILE D 119 36.59 18.73 -10.94
C ILE D 119 36.90 17.32 -10.44
N GLY D 120 36.00 16.73 -9.66
CA GLY D 120 36.22 15.36 -9.21
C GLY D 120 36.07 14.36 -10.35
N ALA D 121 35.10 14.58 -11.23
CA ALA D 121 34.91 13.68 -12.37
C ALA D 121 36.07 13.77 -13.34
N ARG D 122 36.61 14.97 -13.56
CA ARG D 122 37.76 15.11 -14.44
C ARG D 122 39.00 14.47 -13.83
N ARG D 123 39.27 14.73 -12.55
CA ARG D 123 40.49 14.25 -11.93
C ARG D 123 40.41 12.76 -11.61
N ASP D 124 39.32 12.33 -10.97
CA ASP D 124 39.20 10.97 -10.48
C ASP D 124 38.36 10.06 -11.38
N GLY D 125 37.40 10.61 -12.10
CA GLY D 125 36.47 9.81 -12.86
C GLY D 125 35.20 9.54 -12.07
N VAL D 126 34.37 8.65 -12.62
CA VAL D 126 33.05 8.36 -12.07
C VAL D 126 32.78 6.87 -12.17
N SER D 127 31.91 6.40 -11.27
CA SER D 127 31.39 5.04 -11.34
C SER D 127 30.00 5.09 -11.96
N ALA D 128 29.80 4.31 -13.02
CA ALA D 128 28.57 4.34 -13.79
C ALA D 128 27.93 2.96 -13.81
N ILE D 129 26.63 2.95 -14.10
CA ILE D 129 25.87 1.72 -14.29
C ILE D 129 25.14 1.82 -15.62
N THR D 130 25.01 0.67 -16.28
CA THR D 130 24.20 0.62 -17.50
C THR D 130 22.74 0.50 -17.13
N LEU D 131 21.89 1.23 -17.85
CA LEU D 131 20.46 1.21 -17.60
C LEU D 131 19.73 1.16 -18.93
N ASP D 132 18.69 0.33 -18.98
CA ASP D 132 17.88 0.23 -20.19
C ASP D 132 17.16 1.54 -20.45
N ARG D 133 17.25 2.03 -21.69
CA ARG D 133 16.54 3.25 -22.05
C ARG D 133 15.09 2.98 -22.41
N GLY D 134 14.78 1.80 -22.94
CA GLY D 134 13.44 1.48 -23.36
C GLY D 134 13.15 1.79 -24.82
N LEU D 135 14.07 2.42 -25.53
CA LEU D 135 14.01 2.80 -26.93
C LEU D 135 14.83 1.85 -27.79
N PRO D 136 14.32 1.52 -28.97
CA PRO D 136 15.13 0.77 -29.95
C PRO D 136 16.11 1.69 -30.67
N ALA D 137 17.13 1.06 -31.27
CA ALA D 137 18.20 1.81 -31.92
C ALA D 137 17.68 2.61 -33.12
N ASP D 138 16.61 2.16 -33.76
CA ASP D 138 16.00 2.87 -34.88
C ASP D 138 15.11 4.03 -34.45
N GLY D 139 14.94 4.27 -33.14
CA GLY D 139 13.94 5.19 -32.65
C GLY D 139 14.16 6.64 -33.00
N GLY D 140 15.41 7.04 -33.28
CA GLY D 140 15.66 8.43 -33.58
C GLY D 140 15.05 8.87 -34.89
N ASP D 141 15.18 8.04 -35.93
CA ASP D 141 14.68 8.37 -37.26
C ASP D 141 13.28 7.83 -37.52
N ALA D 142 12.95 6.65 -36.99
CA ALA D 142 11.65 6.04 -37.28
C ALA D 142 10.51 6.76 -36.57
N MET D 143 10.79 7.43 -35.45
CA MET D 143 9.78 8.12 -34.65
C MET D 143 10.22 9.56 -34.45
N PRO D 144 10.03 10.41 -35.46
CA PRO D 144 10.46 11.81 -35.32
C PRO D 144 9.65 12.59 -34.30
N TRP D 145 8.44 12.16 -33.98
CA TRP D 145 7.63 12.88 -33.00
C TRP D 145 8.23 12.82 -31.61
N LEU D 146 9.11 11.84 -31.34
CA LEU D 146 9.78 11.75 -30.05
C LEU D 146 10.96 12.70 -29.93
N ILE D 147 11.32 13.39 -31.02
CA ILE D 147 12.34 14.44 -31.07
C ILE D 147 13.54 14.13 -30.19
N ALA D 148 14.03 12.89 -30.25
CA ALA D 148 15.13 12.47 -29.39
C ALA D 148 16.43 13.20 -29.71
N SER D 149 16.54 13.80 -30.88
CA SER D 149 17.74 14.55 -31.25
C SER D 149 17.66 16.03 -30.88
N ALA D 150 16.56 16.47 -30.26
CA ALA D 150 16.42 17.85 -29.85
C ALA D 150 16.81 17.97 -28.38
N LYS D 151 17.68 18.93 -28.07
CA LYS D 151 18.09 19.19 -26.70
C LYS D 151 17.09 20.15 -26.08
N THR D 152 16.05 19.60 -25.47
CA THR D 152 14.96 20.38 -24.92
C THR D 152 15.15 20.62 -23.42
N LEU D 153 14.32 21.51 -22.88
CA LEU D 153 14.32 21.84 -21.46
C LEU D 153 13.60 20.79 -20.61
N SER D 154 13.14 19.69 -21.21
CA SER D 154 12.38 18.68 -20.47
C SER D 154 13.33 17.60 -19.97
N TYR D 155 14.03 17.92 -18.88
CA TYR D 155 15.09 17.07 -18.34
C TYR D 155 14.70 16.39 -17.03
N ALA D 156 13.40 16.20 -16.78
CA ALA D 156 12.99 15.58 -15.52
C ALA D 156 13.45 14.14 -15.42
N VAL D 157 13.34 13.39 -16.52
CA VAL D 157 13.74 11.98 -16.51
C VAL D 157 15.25 11.85 -16.37
N ASN D 158 16.00 12.73 -17.04
CA ASN D 158 17.46 12.70 -16.92
C ASN D 158 17.89 12.85 -15.46
N MET D 159 17.25 13.74 -14.72
CA MET D 159 17.62 13.93 -13.32
C MET D 159 17.17 12.76 -12.46
N ALA D 160 15.99 12.20 -12.75
CA ALA D 160 15.51 11.06 -12.00
C ALA D 160 16.39 9.85 -12.24
N VAL D 161 16.88 9.67 -13.47
CA VAL D 161 17.79 8.58 -13.77
C VAL D 161 19.09 8.73 -12.99
N LEU D 162 19.59 9.97 -12.88
CA LEU D 162 20.83 10.21 -12.13
C LEU D 162 20.62 10.00 -10.64
N ARG D 163 19.47 10.42 -10.10
CA ARG D 163 19.21 10.20 -8.68
C ARG D 163 19.06 8.72 -8.37
N HIS D 164 18.46 7.96 -9.31
CA HIS D 164 18.36 6.52 -9.13
C HIS D 164 19.74 5.88 -9.04
N ALA D 165 20.66 6.29 -9.91
CA ALA D 165 22.01 5.73 -9.87
C ALA D 165 22.78 6.22 -8.66
N ALA D 166 22.46 7.42 -8.16
CA ALA D 166 23.10 7.89 -6.94
C ALA D 166 22.71 7.02 -5.76
N ARG D 167 21.46 6.57 -5.73
CA ARG D 167 21.00 5.65 -4.70
C ARG D 167 21.67 4.30 -4.79
N GLN D 168 22.36 4.01 -5.89
CA GLN D 168 23.07 2.74 -6.06
C GLN D 168 24.58 2.93 -6.06
N GLY D 169 25.06 4.07 -5.57
CA GLY D 169 26.49 4.33 -5.50
C GLY D 169 27.15 4.66 -6.81
N ALA D 170 26.37 4.88 -7.87
CA ALA D 170 26.89 5.18 -9.19
C ALA D 170 26.80 6.67 -9.47
N GLY D 171 27.84 7.21 -10.11
CA GLY D 171 27.91 8.63 -10.37
C GLY D 171 27.25 9.08 -11.65
N ASP D 172 26.99 8.16 -12.58
CA ASP D 172 26.37 8.50 -13.85
C ASP D 172 25.76 7.24 -14.44
N VAL D 173 25.24 7.34 -15.67
CA VAL D 173 24.48 6.28 -16.31
C VAL D 173 24.88 6.19 -17.78
N ILE D 174 24.92 4.97 -18.30
CA ILE D 174 25.05 4.71 -19.73
C ILE D 174 23.78 4.00 -20.20
N PHE D 175 23.02 4.67 -21.07
CA PHE D 175 21.78 4.11 -21.59
C PHE D 175 22.07 3.02 -22.63
N VAL D 176 21.36 1.90 -22.51
CA VAL D 176 21.44 0.80 -23.46
C VAL D 176 20.08 0.58 -24.08
N SER D 177 20.07 0.32 -25.39
CA SER D 177 18.83 0.08 -26.10
C SER D 177 18.24 -1.27 -25.74
N THR D 178 16.96 -1.45 -26.08
CA THR D 178 16.32 -2.75 -25.86
C THR D 178 17.00 -3.85 -26.67
N ASP D 179 17.58 -3.50 -27.83
CA ASP D 179 18.35 -4.46 -28.60
C ASP D 179 19.68 -4.78 -27.95
N GLY D 180 20.13 -3.97 -27.00
CA GLY D 180 21.38 -4.21 -26.31
C GLY D 180 22.54 -3.37 -26.79
N TYR D 181 22.29 -2.33 -27.57
CA TYR D 181 23.33 -1.44 -28.06
C TYR D 181 23.40 -0.18 -27.20
N VAL D 182 24.62 0.33 -27.02
CA VAL D 182 24.85 1.51 -26.20
C VAL D 182 24.31 2.75 -26.88
N LEU D 183 23.58 3.57 -26.14
CA LEU D 183 23.01 4.80 -26.68
C LEU D 183 23.82 6.02 -26.26
N GLU D 184 23.58 6.54 -25.06
CA GLU D 184 24.26 7.73 -24.59
C GLU D 184 24.09 7.82 -23.08
N GLY D 185 24.58 8.91 -22.51
CA GLY D 185 24.33 9.21 -21.11
C GLY D 185 23.17 10.17 -20.98
N PRO D 186 22.60 10.29 -19.77
CA PRO D 186 21.53 11.28 -19.54
C PRO D 186 22.00 12.72 -19.69
N ARG D 187 23.31 12.97 -19.70
CA ARG D 187 23.81 14.33 -19.86
C ARG D 187 25.16 14.37 -20.58
N SER D 188 25.52 13.33 -21.32
CA SER D 188 26.83 13.25 -21.93
C SER D 188 26.80 12.22 -23.05
N THR D 189 27.89 12.19 -23.82
CA THR D 189 28.06 11.27 -24.92
C THR D 189 29.08 10.19 -24.54
N VAL D 190 28.77 8.95 -24.88
CA VAL D 190 29.63 7.82 -24.56
C VAL D 190 30.64 7.64 -25.68
N VAL D 191 31.93 7.76 -25.34
CA VAL D 191 33.01 7.53 -26.29
C VAL D 191 33.96 6.51 -25.68
N ILE D 192 34.33 5.49 -26.45
CA ILE D 192 35.27 4.46 -26.03
C ILE D 192 36.47 4.49 -26.97
N ALA D 193 37.56 3.85 -26.53
CA ALA D 193 38.83 3.86 -27.26
C ALA D 193 39.40 2.45 -27.36
N THR D 194 38.94 1.66 -28.32
CA THR D 194 39.48 0.32 -28.51
C THR D 194 39.89 0.10 -29.96
N ASP D 195 40.83 -0.84 -30.13
CA ASP D 195 41.31 -1.22 -31.46
C ASP D 195 40.47 -2.35 -32.03
N PRO D 203 45.68 3.33 -31.88
CA PRO D 203 44.41 3.26 -31.15
C PRO D 203 43.25 3.84 -31.94
N CYS D 204 42.02 3.49 -31.56
CA CYS D 204 40.83 3.90 -32.28
C CYS D 204 39.76 4.33 -31.30
N LEU D 205 39.09 5.44 -31.61
CA LEU D 205 38.02 5.98 -30.77
C LEU D 205 36.67 5.70 -31.42
N LEU D 206 35.74 5.17 -30.64
CA LEU D 206 34.43 4.79 -31.15
C LEU D 206 33.34 5.43 -30.31
N THR D 207 32.18 5.62 -30.93
CA THR D 207 31.02 6.23 -30.28
C THR D 207 29.77 5.74 -31.01
N PRO D 208 28.63 5.66 -30.34
CA PRO D 208 27.42 5.22 -31.02
C PRO D 208 27.09 6.16 -32.18
N PRO D 209 26.45 5.65 -33.22
CA PRO D 209 26.23 6.47 -34.41
C PRO D 209 25.15 7.51 -34.17
N PRO D 210 25.19 8.63 -34.89
CA PRO D 210 24.28 9.74 -34.59
C PRO D 210 22.83 9.48 -34.99
N TRP D 211 22.58 8.55 -35.91
CA TRP D 211 21.19 8.26 -36.27
C TRP D 211 20.44 7.51 -35.19
N TYR D 212 21.12 7.10 -34.12
CA TYR D 212 20.46 6.57 -32.94
C TYR D 212 19.64 7.66 -32.26
N PRO D 213 18.63 7.27 -31.47
CA PRO D 213 17.83 8.29 -30.74
C PRO D 213 18.65 8.96 -29.65
N ILE D 214 19.70 9.68 -30.05
CA ILE D 214 20.63 10.31 -29.12
C ILE D 214 20.93 11.72 -29.61
N LEU D 215 21.54 12.51 -28.74
CA LEU D 215 22.01 13.83 -29.14
C LEU D 215 23.38 13.71 -29.80
N ARG D 216 23.62 14.58 -30.78
CA ARG D 216 24.94 14.67 -31.38
C ARG D 216 25.78 15.62 -30.51
N GLY D 217 26.87 15.10 -29.96
CA GLY D 217 27.67 15.86 -29.03
C GLY D 217 28.64 16.81 -29.70
N THR D 218 28.51 18.10 -29.40
CA THR D 218 29.47 19.06 -29.91
C THR D 218 30.88 18.74 -29.43
N THR D 219 31.00 18.32 -28.17
CA THR D 219 32.31 17.98 -27.62
C THR D 219 32.85 16.70 -28.27
N GLN D 220 31.99 15.71 -28.50
CA GLN D 220 32.43 14.47 -29.11
C GLN D 220 32.94 14.69 -30.53
N GLN D 221 32.21 15.48 -31.32
CA GLN D 221 32.60 15.70 -32.71
C GLN D 221 33.90 16.47 -32.82
N ALA D 222 34.06 17.53 -32.03
CA ALA D 222 35.32 18.28 -32.04
C ALA D 222 36.47 17.42 -31.53
N LEU D 223 36.19 16.49 -30.62
CA LEU D 223 37.23 15.56 -30.17
C LEU D 223 37.69 14.66 -31.31
N PHE D 224 36.73 14.18 -32.13
CA PHE D 224 37.08 13.39 -33.29
C PHE D 224 37.91 14.19 -34.29
N GLU D 225 37.66 15.50 -34.36
CA GLU D 225 38.38 16.35 -35.33
C GLU D 225 39.85 16.47 -34.98
N VAL D 226 40.16 16.77 -33.72
CA VAL D 226 41.54 16.95 -33.31
C VAL D 226 42.28 15.60 -33.29
N ALA D 227 41.58 14.53 -32.93
CA ALA D 227 42.24 13.22 -32.83
C ALA D 227 42.62 12.70 -34.21
N ARG D 228 41.77 12.93 -35.21
CA ARG D 228 42.11 12.50 -36.57
C ARG D 228 43.32 13.27 -37.10
N ALA D 229 43.44 14.54 -36.75
CA ALA D 229 44.60 15.31 -37.19
C ALA D 229 45.88 14.91 -36.48
N LYS D 230 45.79 14.14 -35.40
CA LYS D 230 46.97 13.66 -34.67
C LYS D 230 47.27 12.20 -34.92
N GLY D 231 46.51 11.52 -35.79
CA GLY D 231 46.77 10.14 -36.14
C GLY D 231 45.75 9.15 -35.63
N TYR D 232 44.79 9.57 -34.81
CA TYR D 232 43.77 8.66 -34.32
C TYR D 232 42.68 8.46 -35.36
N ASP D 233 42.27 7.20 -35.52
CA ASP D 233 41.14 6.85 -36.38
C ASP D 233 39.89 6.76 -35.53
N CYS D 234 38.82 7.43 -35.97
CA CYS D 234 37.56 7.46 -35.25
C CYS D 234 36.42 7.02 -36.17
N ASP D 235 35.40 6.40 -35.58
CA ASP D 235 34.28 5.90 -36.37
C ASP D 235 33.08 5.72 -35.45
N TYR D 236 31.91 5.62 -36.07
CA TYR D 236 30.63 5.48 -35.38
C TYR D 236 30.14 4.05 -35.56
N ARG D 237 30.02 3.32 -34.45
CA ARG D 237 29.68 1.90 -34.50
C ARG D 237 28.56 1.60 -33.54
N ALA D 238 27.87 0.49 -33.80
CA ALA D 238 26.84 -0.02 -32.88
C ALA D 238 27.57 -0.70 -31.74
N LEU D 239 27.70 0.01 -30.62
CA LEU D 239 28.45 -0.49 -29.49
C LEU D 239 27.50 -1.19 -28.52
N ARG D 240 27.99 -2.29 -27.94
CA ARG D 240 27.25 -3.05 -26.94
C ARG D 240 27.97 -2.96 -25.60
N VAL D 241 27.32 -3.49 -24.57
CA VAL D 241 27.87 -3.44 -23.22
C VAL D 241 29.19 -4.19 -23.16
N ALA D 242 29.31 -5.27 -23.93
CA ALA D 242 30.57 -6.01 -23.98
C ALA D 242 31.72 -5.15 -24.48
N ASP D 243 31.46 -4.30 -25.48
CA ASP D 243 32.51 -3.42 -25.97
C ASP D 243 32.95 -2.41 -24.91
N LEU D 244 32.10 -2.09 -23.94
CA LEU D 244 32.51 -1.19 -22.87
C LEU D 244 33.53 -1.85 -21.95
N PHE D 245 33.33 -3.13 -21.63
CA PHE D 245 34.22 -3.80 -20.70
C PHE D 245 35.52 -4.23 -21.36
N ASP D 246 35.54 -4.39 -22.68
CA ASP D 246 36.75 -4.78 -23.38
C ASP D 246 37.59 -3.58 -23.81
N SER D 247 37.13 -2.36 -23.54
CA SER D 247 37.86 -1.18 -23.94
C SER D 247 38.95 -0.86 -22.92
N GLN D 248 39.91 -0.04 -23.36
CA GLN D 248 40.90 0.49 -22.44
C GLN D 248 40.35 1.64 -21.61
N GLY D 249 39.28 2.27 -22.06
CA GLY D 249 38.65 3.36 -21.34
C GLY D 249 37.31 3.79 -21.88
N ILE D 250 36.44 4.27 -20.99
CA ILE D 250 35.15 4.84 -21.33
C ILE D 250 35.10 6.23 -20.76
N TRP D 251 34.57 7.18 -21.53
CA TRP D 251 34.42 8.55 -21.07
C TRP D 251 33.02 9.05 -21.38
N LEU D 252 32.47 9.84 -20.47
CA LEU D 252 31.21 10.54 -20.66
C LEU D 252 31.56 11.99 -20.99
N VAL D 253 31.50 12.34 -22.27
CA VAL D 253 31.96 13.64 -22.76
C VAL D 253 30.78 14.58 -22.90
N SER D 254 31.00 15.84 -22.53
CA SER D 254 29.96 16.87 -22.59
C SER D 254 30.66 18.22 -22.64
N SER D 255 29.86 19.28 -22.77
CA SER D 255 30.43 20.60 -23.01
C SER D 255 31.07 21.18 -21.76
N MET D 256 30.49 20.94 -20.59
CA MET D 256 31.02 21.50 -19.36
C MET D 256 31.95 20.54 -18.64
N THR D 257 31.54 19.27 -18.50
CA THR D 257 32.39 18.28 -17.84
C THR D 257 33.56 17.85 -18.71
N LEU D 258 33.50 18.13 -20.01
CA LEU D 258 34.54 17.76 -20.96
C LEU D 258 34.66 16.25 -21.08
N ALA D 259 35.41 15.61 -20.18
CA ALA D 259 35.66 14.18 -20.25
C ALA D 259 35.68 13.61 -18.84
N ALA D 260 34.76 12.69 -18.55
CA ALA D 260 34.70 11.99 -17.27
C ALA D 260 34.90 10.51 -17.52
N ARG D 261 36.07 10.01 -17.16
CA ARG D 261 36.38 8.60 -17.35
C ARG D 261 35.55 7.73 -16.41
N VAL D 262 35.04 6.62 -16.94
CA VAL D 262 34.29 5.64 -16.14
C VAL D 262 35.31 4.64 -15.60
N HIS D 263 35.62 4.76 -14.31
CA HIS D 263 36.55 3.83 -13.68
C HIS D 263 35.85 2.58 -13.16
N THR D 264 34.54 2.60 -12.99
CA THR D 264 33.78 1.44 -12.52
C THR D 264 32.46 1.38 -13.26
N LEU D 265 32.20 0.27 -13.95
CA LEU D 265 30.97 0.08 -14.71
C LEU D 265 30.24 -1.14 -14.16
N ASP D 266 29.04 -0.92 -13.64
CA ASP D 266 28.20 -2.00 -13.07
C ASP D 266 28.94 -2.80 -12.01
N GLY D 267 29.67 -2.09 -11.14
CA GLY D 267 30.40 -2.72 -10.07
C GLY D 267 31.73 -3.32 -10.46
N ARG D 268 31.99 -3.50 -11.75
CA ARG D 268 33.23 -4.09 -12.22
C ARG D 268 34.21 -2.97 -12.53
N ARG D 269 35.34 -2.94 -11.82
CA ARG D 269 36.34 -1.89 -12.00
C ARG D 269 37.11 -2.09 -13.29
N LEU D 270 37.34 -0.98 -13.99
CA LEU D 270 38.04 -0.93 -15.26
C LEU D 270 39.46 -0.42 -15.06
N PRO D 271 40.45 -1.06 -15.69
CA PRO D 271 41.83 -0.67 -15.45
C PRO D 271 42.12 0.72 -16.01
N ARG D 272 43.13 1.35 -15.44
CA ARG D 272 43.54 2.67 -15.88
C ARG D 272 44.68 2.52 -16.88
N THR D 273 44.56 3.21 -18.01
CA THR D 273 45.50 3.11 -19.10
C THR D 273 46.12 4.47 -19.37
N PRO D 274 47.37 4.52 -19.84
CA PRO D 274 47.96 5.79 -20.26
C PRO D 274 47.08 6.63 -21.20
N ILE D 275 46.10 5.99 -21.83
CA ILE D 275 45.19 6.71 -22.72
C ILE D 275 44.35 7.73 -21.97
N ALA D 276 44.28 7.64 -20.64
CA ALA D 276 43.44 8.55 -19.88
C ALA D 276 44.04 9.95 -19.80
N GLU D 277 45.37 10.05 -19.73
CA GLU D 277 46.00 11.37 -19.66
C GLU D 277 46.02 12.08 -21.00
N VAL D 278 46.15 11.34 -22.11
CA VAL D 278 46.16 12.03 -23.40
C VAL D 278 44.76 12.41 -23.80
N PHE D 279 43.75 11.65 -23.37
CA PHE D 279 42.38 11.91 -23.78
C PHE D 279 41.89 13.26 -23.26
N ALA D 280 42.22 13.58 -22.01
CA ALA D 280 41.81 14.87 -21.45
C ALA D 280 42.46 16.03 -22.20
N GLU D 281 43.75 15.89 -22.53
CA GLU D 281 44.40 16.89 -23.37
C GLU D 281 43.80 16.94 -24.75
N LEU D 282 43.37 15.79 -25.28
CA LEU D 282 42.70 15.78 -26.57
C LEU D 282 41.39 16.55 -26.52
N VAL D 283 40.66 16.43 -25.41
CA VAL D 283 39.41 17.18 -25.25
C VAL D 283 39.70 18.64 -24.94
N ASP D 284 40.80 18.94 -24.24
CA ASP D 284 41.13 20.33 -23.93
C ASP D 284 41.41 21.12 -25.20
N ALA D 285 42.22 20.57 -26.10
CA ALA D 285 42.50 21.26 -27.35
C ALA D 285 41.30 21.23 -28.29
N ALA D 286 40.40 20.26 -28.11
CA ALA D 286 39.23 20.18 -28.97
C ALA D 286 38.29 21.35 -28.74
N ILE D 287 37.98 21.65 -27.47
CA ILE D 287 37.03 22.71 -27.16
C ILE D 287 37.58 24.09 -27.47
N VAL D 288 38.88 24.21 -27.75
CA VAL D 288 39.49 25.46 -28.17
C VAL D 288 39.98 25.41 -29.60
N SER D 289 39.70 24.30 -30.31
CA SER D 289 40.11 24.16 -31.70
C SER D 289 39.46 25.20 -32.62
N ASP D 290 38.32 25.76 -32.22
CA ASP D 290 37.70 26.83 -32.99
C ASP D 290 38.60 28.05 -33.05
N ARG D 291 39.44 28.27 -32.05
CA ARG D 291 40.36 29.40 -32.04
C ARG D 291 41.64 29.05 -32.79
N1 PMP E . 0.99 -9.27 17.77
C2 PMP E . -0.35 -9.34 17.53
C2A PMP E . -1.27 -9.96 18.53
C3 PMP E . -0.89 -8.79 16.26
O3 PMP E . -2.23 -8.84 16.00
C4 PMP E . 0.06 -8.18 15.32
C4A PMP E . -0.42 -7.58 14.02
N4A PMP E . -1.75 -7.00 14.22
C5 PMP E . 1.50 -8.17 15.69
C6 PMP E . 1.87 -8.73 16.91
C5A PMP E . 2.51 -7.56 14.75
O4P PMP E . 3.00 -8.54 13.84
P PMP E . 3.52 -8.16 12.36
O1P PMP E . 4.15 -9.37 11.73
O2P PMP E . 4.55 -7.06 12.47
O3P PMP E . 2.35 -7.69 11.53
C1 AKG F . -2.11 -3.47 11.97
O1 AKG F . -1.00 -3.08 11.51
O2 AKG F . -2.90 -2.69 12.53
C2 AKG F . -2.46 -4.88 11.84
O5 AKG F . -1.64 -5.69 11.46
C3 AKG F . -3.88 -5.31 12.18
C4 AKG F . -4.27 -6.55 11.40
C5 AKG F . -3.70 -7.77 12.07
O3 AKG F . -2.64 -8.27 11.64
O4 AKG F . -4.31 -8.23 13.06
N1 PMP G . -17.58 -23.69 30.01
C2 PMP G . -17.27 -23.43 28.72
C2A PMP G . -15.96 -22.75 28.38
C3 PMP G . -18.19 -23.81 27.62
O3 PMP G . -17.90 -23.55 26.32
C4 PMP G . -19.46 -24.47 28.01
C4A PMP G . -20.48 -24.89 26.98
N4A PMP G . -19.87 -25.89 26.07
C5 PMP G . -19.69 -24.71 29.46
C6 PMP G . -18.73 -24.30 30.37
C5A PMP G . -20.96 -25.38 29.93
O4P PMP G . -22.07 -24.53 29.65
P PMP G . -23.52 -25.16 29.33
O1P PMP G . -23.40 -26.00 28.09
O2P PMP G . -23.97 -26.00 30.50
O3P PMP G . -24.51 -24.04 29.09
C1 AKG H . -19.96 -30.03 23.36
O1 AKG H . -19.10 -30.94 23.34
O2 AKG H . -21.13 -30.25 23.75
C2 AKG H . -19.59 -28.69 22.94
O5 AKG H . -19.76 -27.74 23.69
C3 AKG H . -18.99 -28.46 21.57
C4 AKG H . -17.47 -28.59 21.65
C5 AKG H . -16.97 -29.45 20.52
O3 AKG H . -17.77 -29.82 19.64
O4 AKG H . -15.76 -29.78 20.51
N1 PMP I . -2.57 11.58 -19.28
C2 PMP I . -1.73 12.63 -19.17
C2A PMP I . -0.38 12.57 -19.85
C3 PMP I . -2.11 13.83 -18.40
O3 PMP I . -1.27 14.90 -18.29
C4 PMP I . -3.45 13.84 -17.77
C4A PMP I . -3.89 15.05 -16.97
N4A PMP I . -5.06 15.69 -17.60
C5 PMP I . -4.30 12.63 -17.95
C6 PMP I . -3.79 11.57 -18.70
C5A PMP I . -5.68 12.52 -17.34
O4P PMP I . -5.61 12.70 -15.93
P PMP I . -6.68 13.63 -15.17
O1P PMP I . -7.99 12.89 -15.05
O2P PMP I . -6.90 14.89 -15.99
O3P PMP I . -6.15 13.99 -13.81
C1 AKG J . -6.78 19.25 -20.92
O1 AKG J . -6.80 19.60 -22.12
O2 AKG J . -7.79 18.78 -20.35
C2 AKG J . -5.54 19.39 -20.17
O5 AKG J . -5.35 18.76 -19.14
C3 AKG J . -4.47 20.33 -20.70
C4 AKG J . -3.30 20.36 -19.73
C5 AKG J . -2.25 19.40 -20.21
O3 AKG J . -1.61 19.68 -21.25
O4 AKG J . -2.05 18.34 -19.57
C1 CIT K . -24.95 24.69 -31.04
O1 CIT K . -24.18 23.78 -31.44
O2 CIT K . -26.14 24.48 -30.70
C2 CIT K . -24.43 26.11 -30.97
C3 CIT K . -22.92 26.13 -30.69
O7 CIT K . -22.29 25.24 -31.63
C4 CIT K . -22.32 27.52 -30.88
C5 CIT K . -22.82 28.58 -29.92
O3 CIT K . -24.03 28.88 -29.92
O4 CIT K . -22.00 29.14 -29.17
C6 CIT K . -22.62 25.61 -29.30
O5 CIT K . -21.43 25.57 -28.93
O6 CIT K . -23.56 25.23 -28.56
C1 CIT L . -2.80 -6.00 -37.79
O1 CIT L . -3.73 -6.41 -38.51
O2 CIT L . -2.70 -4.80 -37.44
C2 CIT L . -1.73 -6.97 -37.34
C3 CIT L . -1.17 -6.54 -35.99
O7 CIT L . -0.88 -5.14 -36.02
C4 CIT L . -2.15 -6.85 -34.86
C5 CIT L . -1.79 -6.12 -33.60
O3 CIT L . -0.62 -5.71 -33.43
O4 CIT L . -2.68 -5.95 -32.74
C6 CIT L . 0.11 -7.30 -35.75
O5 CIT L . 0.03 -8.50 -35.39
O6 CIT L . 1.20 -6.71 -35.89
N1 PMP M . 23.37 14.21 -24.25
C2 PMP M . 22.69 14.91 -23.32
C2A PMP M . 21.33 14.44 -22.89
C3 PMP M . 23.29 16.14 -22.72
O3 PMP M . 22.62 16.87 -21.78
C4 PMP M . 24.64 16.55 -23.19
C4A PMP M . 25.33 17.77 -22.65
N4A PMP M . 24.55 18.34 -21.54
C5 PMP M . 25.28 15.69 -24.22
C6 PMP M . 24.60 14.56 -24.69
C5A PMP M . 26.65 16.02 -24.74
O4P PMP M . 26.58 17.16 -25.62
P PMP M . 27.89 18.06 -25.83
O1P PMP M . 29.04 17.17 -26.24
O2P PMP M . 27.61 19.09 -26.90
O3P PMP M . 28.20 18.75 -24.53
C1 AKG N . 27.36 18.47 -18.03
O1 AKG N . 28.39 18.56 -18.73
O2 AKG N . 27.38 17.98 -16.88
C2 AKG N . 26.09 18.95 -18.57
O5 AKG N . 26.02 19.28 -19.74
C3 AKG N . 24.87 19.03 -17.69
C4 AKG N . 25.06 20.13 -16.65
C5 AKG N . 24.39 21.40 -17.13
O3 AKG N . 23.57 21.32 -18.07
O4 AKG N . 24.68 22.48 -16.57
#